data_4RBX
# 
_entry.id   4RBX 
# 
_audit_conform.dict_name       mmcif_pdbx.dic 
_audit_conform.dict_version    5.397 
_audit_conform.dict_location   http://mmcif.pdb.org/dictionaries/ascii/mmcif_pdbx.dic 
# 
loop_
_database_2.database_id 
_database_2.database_code 
_database_2.pdbx_database_accession 
_database_2.pdbx_DOI 
PDB   4RBX         pdb_00004rbx 10.2210/pdb4rbx/pdb 
RCSB  RCSB087154   ?            ?                   
WWPDB D_1000087154 ?            ?                   
# 
loop_
_pdbx_audit_revision_history.ordinal 
_pdbx_audit_revision_history.data_content_type 
_pdbx_audit_revision_history.major_revision 
_pdbx_audit_revision_history.minor_revision 
_pdbx_audit_revision_history.revision_date 
1 'Structure model' 1 0 2015-07-29 
2 'Structure model' 1 1 2023-09-20 
3 'Structure model' 1 2 2024-10-30 
# 
_pdbx_audit_revision_details.ordinal             1 
_pdbx_audit_revision_details.revision_ordinal    1 
_pdbx_audit_revision_details.data_content_type   'Structure model' 
_pdbx_audit_revision_details.provider            repository 
_pdbx_audit_revision_details.type                'Initial release' 
_pdbx_audit_revision_details.description         ? 
_pdbx_audit_revision_details.details             ? 
# 
loop_
_pdbx_audit_revision_group.ordinal 
_pdbx_audit_revision_group.revision_ordinal 
_pdbx_audit_revision_group.data_content_type 
_pdbx_audit_revision_group.group 
1 2 'Structure model' 'Data collection'        
2 2 'Structure model' 'Database references'    
3 2 'Structure model' 'Derived calculations'   
4 2 'Structure model' 'Refinement description' 
5 3 'Structure model' 'Structure summary'      
# 
loop_
_pdbx_audit_revision_category.ordinal 
_pdbx_audit_revision_category.revision_ordinal 
_pdbx_audit_revision_category.data_content_type 
_pdbx_audit_revision_category.category 
1 2 'Structure model' chem_comp_atom                
2 2 'Structure model' chem_comp_bond                
3 2 'Structure model' database_2                    
4 2 'Structure model' pdbx_initial_refinement_model 
5 2 'Structure model' struct_ref_seq_dif            
6 2 'Structure model' struct_site                   
7 3 'Structure model' pdbx_entry_details            
8 3 'Structure model' pdbx_modification_feature     
# 
loop_
_pdbx_audit_revision_item.ordinal 
_pdbx_audit_revision_item.revision_ordinal 
_pdbx_audit_revision_item.data_content_type 
_pdbx_audit_revision_item.item 
1 2 'Structure model' '_database_2.pdbx_DOI'                
2 2 'Structure model' '_database_2.pdbx_database_accession' 
3 2 'Structure model' '_struct_ref_seq_dif.details'         
4 2 'Structure model' '_struct_site.pdbx_auth_asym_id'      
5 2 'Structure model' '_struct_site.pdbx_auth_comp_id'      
6 2 'Structure model' '_struct_site.pdbx_auth_seq_id'       
# 
_pdbx_database_status.status_code                     REL 
_pdbx_database_status.entry_id                        4RBX 
_pdbx_database_status.recvd_initial_deposition_date   2014-09-13 
_pdbx_database_status.deposit_site                    RCSB 
_pdbx_database_status.process_site                    RCSB 
_pdbx_database_status.status_code_sf                  REL 
_pdbx_database_status.status_code_mr                  ? 
_pdbx_database_status.SG_entry                        ? 
_pdbx_database_status.status_code_cs                  ? 
_pdbx_database_status.methods_development_category    ? 
_pdbx_database_status.pdb_format_compatible           Y 
_pdbx_database_status.status_code_nmr_data            ? 
# 
loop_
_pdbx_database_related.db_name 
_pdbx_database_related.db_id 
_pdbx_database_related.details 
_pdbx_database_related.content_type 
PDB 1ZMP 'CRYSTAL STRUCTURE OF HUMAN DEFENSIN 5'                                                   unspecified 
PDB 4E82 'Crystal structure of monomeric variant of human alpha-defensin 5, HD5 (Glu21EMe mutant)' unspecified 
PDB 4E83 'Crystal structure of human alpha-defensin 5, HD5 (Leu29NLe mutant)'                      unspecified 
PDB 4E86 'Crystal structure of human alpha-defensin 5, HD5 (Leu29Aba mutant)'                      unspecified 
PDB 4RBW .                                                                                         unspecified 
# 
loop_
_audit_author.name 
_audit_author.pdbx_ordinal 
'Pazgier, M.'   1 
'Gohain, N.'    2 
'Tolbert, W.D.' 3 
# 
_citation.id                        primary 
_citation.title                     'Design of a potent antibiotic peptide based on the active region of human defensin 5.' 
_citation.journal_abbrev            J.Med.Chem. 
_citation.journal_volume            58 
_citation.page_first                3083 
_citation.page_last                 3093 
_citation.year                      2015 
_citation.journal_id_ASTM           JMCMAR 
_citation.country                   US 
_citation.journal_id_ISSN           0022-2623 
_citation.journal_id_CSD            0151 
_citation.book_publisher            ? 
_citation.pdbx_database_id_PubMed   25782105 
_citation.pdbx_database_id_DOI      10.1021/jm501824a 
# 
loop_
_citation_author.citation_id 
_citation_author.name 
_citation_author.ordinal 
_citation_author.identifier_ORCID 
primary 'Wang, C.'      1  ? 
primary 'Shen, M.'      2  ? 
primary 'Gohain, N.'    3  ? 
primary 'Tolbert, W.D.' 4  ? 
primary 'Chen, F.'      5  ? 
primary 'Zhang, N.'     6  ? 
primary 'Yang, K.'      7  ? 
primary 'Wang, A.'      8  ? 
primary 'Su, Y.'        9  ? 
primary 'Cheng, T.'     10 ? 
primary 'Zhao, J.'      11 ? 
primary 'Pazgier, M.'   12 ? 
primary 'Wang, J.'      13 ? 
# 
loop_
_entity.id 
_entity.type 
_entity.src_method 
_entity.pdbx_description 
_entity.formula_weight 
_entity.pdbx_number_of_molecules 
_entity.pdbx_ec 
_entity.pdbx_mutation 
_entity.pdbx_fragment 
_entity.details 
1 polymer     syn Defensin-5    3622.308 1  ? E21R ? ? 
2 non-polymer syn 'SULFATE ION' 96.063   3  ? ?    ? ? 
3 water       nat water         18.015   34 ? ?    ? ? 
# 
_entity_name_com.entity_id   1 
_entity_name_com.name        'HD5(63-94)' 
# 
_entity_poly.entity_id                      1 
_entity_poly.type                           'polypeptide(L)' 
_entity_poly.nstd_linkage                   no 
_entity_poly.nstd_monomer                   no 
_entity_poly.pdbx_seq_one_letter_code       ATCYCRTGRCATRESLSGVCRISGRLYRLCCR 
_entity_poly.pdbx_seq_one_letter_code_can   ATCYCRTGRCATRESLSGVCRISGRLYRLCCR 
_entity_poly.pdbx_strand_id                 A 
_entity_poly.pdbx_target_identifier         ? 
# 
loop_
_pdbx_entity_nonpoly.entity_id 
_pdbx_entity_nonpoly.name 
_pdbx_entity_nonpoly.comp_id 
2 'SULFATE ION' SO4 
3 water         HOH 
# 
loop_
_entity_poly_seq.entity_id 
_entity_poly_seq.num 
_entity_poly_seq.mon_id 
_entity_poly_seq.hetero 
1 1  ALA n 
1 2  THR n 
1 3  CYS n 
1 4  TYR n 
1 5  CYS n 
1 6  ARG n 
1 7  THR n 
1 8  GLY n 
1 9  ARG n 
1 10 CYS n 
1 11 ALA n 
1 12 THR n 
1 13 ARG n 
1 14 GLU n 
1 15 SER n 
1 16 LEU n 
1 17 SER n 
1 18 GLY n 
1 19 VAL n 
1 20 CYS n 
1 21 ARG n 
1 22 ILE n 
1 23 SER n 
1 24 GLY n 
1 25 ARG n 
1 26 LEU n 
1 27 TYR n 
1 28 ARG n 
1 29 LEU n 
1 30 CYS n 
1 31 CYS n 
1 32 ARG n 
# 
_pdbx_entity_src_syn.entity_id              1 
_pdbx_entity_src_syn.pdbx_src_id            1 
_pdbx_entity_src_syn.pdbx_alt_source_flag   sample 
_pdbx_entity_src_syn.pdbx_beg_seq_num       ? 
_pdbx_entity_src_syn.pdbx_end_seq_num       ? 
_pdbx_entity_src_syn.organism_scientific    'Homo sapiens' 
_pdbx_entity_src_syn.organism_common_name   human 
_pdbx_entity_src_syn.ncbi_taxonomy_id       9606 
_pdbx_entity_src_syn.details                ? 
# 
loop_
_chem_comp.id 
_chem_comp.type 
_chem_comp.mon_nstd_flag 
_chem_comp.name 
_chem_comp.pdbx_synonyms 
_chem_comp.formula 
_chem_comp.formula_weight 
ALA 'L-peptide linking' y ALANINE         ? 'C3 H7 N O2'     89.093  
ARG 'L-peptide linking' y ARGININE        ? 'C6 H15 N4 O2 1' 175.209 
CYS 'L-peptide linking' y CYSTEINE        ? 'C3 H7 N O2 S'   121.158 
GLU 'L-peptide linking' y 'GLUTAMIC ACID' ? 'C5 H9 N O4'     147.129 
GLY 'peptide linking'   y GLYCINE         ? 'C2 H5 N O2'     75.067  
HOH non-polymer         . WATER           ? 'H2 O'           18.015  
ILE 'L-peptide linking' y ISOLEUCINE      ? 'C6 H13 N O2'    131.173 
LEU 'L-peptide linking' y LEUCINE         ? 'C6 H13 N O2'    131.173 
SER 'L-peptide linking' y SERINE          ? 'C3 H7 N O3'     105.093 
SO4 non-polymer         . 'SULFATE ION'   ? 'O4 S -2'        96.063  
THR 'L-peptide linking' y THREONINE       ? 'C4 H9 N O3'     119.119 
TYR 'L-peptide linking' y TYROSINE        ? 'C9 H11 N O3'    181.189 
VAL 'L-peptide linking' y VALINE          ? 'C5 H11 N O2'    117.146 
# 
loop_
_pdbx_poly_seq_scheme.asym_id 
_pdbx_poly_seq_scheme.entity_id 
_pdbx_poly_seq_scheme.seq_id 
_pdbx_poly_seq_scheme.mon_id 
_pdbx_poly_seq_scheme.ndb_seq_num 
_pdbx_poly_seq_scheme.pdb_seq_num 
_pdbx_poly_seq_scheme.auth_seq_num 
_pdbx_poly_seq_scheme.pdb_mon_id 
_pdbx_poly_seq_scheme.auth_mon_id 
_pdbx_poly_seq_scheme.pdb_strand_id 
_pdbx_poly_seq_scheme.pdb_ins_code 
_pdbx_poly_seq_scheme.hetero 
A 1 1  ALA 1  1  1  ALA ALA A . n 
A 1 2  THR 2  2  2  THR THR A . n 
A 1 3  CYS 3  3  3  CYS CYS A . n 
A 1 4  TYR 4  4  4  TYR TYR A . n 
A 1 5  CYS 5  5  5  CYS CYS A . n 
A 1 6  ARG 6  6  6  ARG ARG A . n 
A 1 7  THR 7  7  7  THR THR A . n 
A 1 8  GLY 8  8  8  GLY GLY A . n 
A 1 9  ARG 9  9  9  ARG ARG A . n 
A 1 10 CYS 10 10 10 CYS CYS A . n 
A 1 11 ALA 11 11 11 ALA ALA A . n 
A 1 12 THR 12 12 12 THR THR A . n 
A 1 13 ARG 13 13 13 ARG ARG A . n 
A 1 14 GLU 14 14 14 GLU GLU A . n 
A 1 15 SER 15 15 15 SER SER A . n 
A 1 16 LEU 16 16 16 LEU LEU A . n 
A 1 17 SER 17 17 17 SER SER A . n 
A 1 18 GLY 18 18 18 GLY GLY A . n 
A 1 19 VAL 19 19 19 VAL VAL A . n 
A 1 20 CYS 20 20 20 CYS CYS A . n 
A 1 21 ARG 21 21 21 ARG ARG A . n 
A 1 22 ILE 22 22 22 ILE ILE A . n 
A 1 23 SER 23 23 23 SER SER A . n 
A 1 24 GLY 24 24 24 GLY GLY A . n 
A 1 25 ARG 25 25 25 ARG ARG A . n 
A 1 26 LEU 26 26 26 LEU LEU A . n 
A 1 27 TYR 27 27 27 TYR TYR A . n 
A 1 28 ARG 28 28 28 ARG ARG A . n 
A 1 29 LEU 29 29 29 LEU LEU A . n 
A 1 30 CYS 30 30 30 CYS CYS A . n 
A 1 31 CYS 31 31 31 CYS CYS A . n 
A 1 32 ARG 32 32 32 ARG ARG A . n 
# 
loop_
_pdbx_nonpoly_scheme.asym_id 
_pdbx_nonpoly_scheme.entity_id 
_pdbx_nonpoly_scheme.mon_id 
_pdbx_nonpoly_scheme.ndb_seq_num 
_pdbx_nonpoly_scheme.pdb_seq_num 
_pdbx_nonpoly_scheme.auth_seq_num 
_pdbx_nonpoly_scheme.pdb_mon_id 
_pdbx_nonpoly_scheme.auth_mon_id 
_pdbx_nonpoly_scheme.pdb_strand_id 
_pdbx_nonpoly_scheme.pdb_ins_code 
B 2 SO4 1  101 2  SO4 SO4 A . 
C 2 SO4 1  102 3  SO4 SO4 A . 
D 2 SO4 1  103 4  SO4 SO4 A . 
E 3 HOH 1  201 1  HOH HOH A . 
E 3 HOH 2  202 2  HOH HOH A . 
E 3 HOH 3  203 3  HOH HOH A . 
E 3 HOH 4  204 4  HOH HOH A . 
E 3 HOH 5  205 5  HOH HOH A . 
E 3 HOH 6  206 6  HOH HOH A . 
E 3 HOH 7  207 7  HOH HOH A . 
E 3 HOH 8  208 8  HOH HOH A . 
E 3 HOH 9  209 9  HOH HOH A . 
E 3 HOH 10 210 10 HOH HOH A . 
E 3 HOH 11 211 11 HOH HOH A . 
E 3 HOH 12 212 12 HOH HOH A . 
E 3 HOH 13 213 13 HOH HOH A . 
E 3 HOH 14 214 14 HOH HOH A . 
E 3 HOH 15 215 15 HOH HOH A . 
E 3 HOH 16 216 16 HOH HOH A . 
E 3 HOH 17 217 17 HOH HOH A . 
E 3 HOH 18 218 18 HOH HOH A . 
E 3 HOH 19 219 19 HOH HOH A . 
E 3 HOH 20 220 20 HOH HOH A . 
E 3 HOH 21 221 21 HOH HOH A . 
E 3 HOH 22 222 22 HOH HOH A . 
E 3 HOH 23 223 23 HOH HOH A . 
E 3 HOH 24 224 24 HOH HOH A . 
E 3 HOH 25 225 25 HOH HOH A . 
E 3 HOH 26 226 26 HOH HOH A . 
E 3 HOH 27 227 27 HOH HOH A . 
E 3 HOH 28 228 28 HOH HOH A . 
E 3 HOH 29 229 29 HOH HOH A . 
E 3 HOH 30 230 30 HOH HOH A . 
E 3 HOH 31 231 31 HOH HOH A . 
E 3 HOH 32 232 32 HOH HOH A . 
E 3 HOH 33 233 33 HOH HOH A . 
E 3 HOH 34 234 34 HOH HOH A . 
# 
loop_
_software.name 
_software.classification 
_software.version 
_software.citation_id 
_software.pdbx_ordinal 
HKL-2000 'data collection' .                                           ? 1 
PHASER   phasing           .                                           ? 2 
PHENIX   refinement        '(phenix.refine: 1.9_1692)/REFMAC 5.5.0109' ? 3 
HKL-2000 'data reduction'  .                                           ? 4 
HKL-2000 'data scaling'    .                                           ? 5 
# 
_cell.entry_id           4RBX 
_cell.length_a           41.957 
_cell.length_b           41.957 
_cell.length_c           68.025 
_cell.angle_alpha        90.00 
_cell.angle_beta         90.00 
_cell.angle_gamma        120.00 
_cell.Z_PDB              12 
_cell.pdbx_unique_axis   ? 
_cell.length_a_esd       ? 
_cell.length_b_esd       ? 
_cell.length_c_esd       ? 
_cell.angle_alpha_esd    ? 
_cell.angle_beta_esd     ? 
_cell.angle_gamma_esd    ? 
# 
_symmetry.entry_id                         4RBX 
_symmetry.space_group_name_H-M             'P 65 2 2' 
_symmetry.pdbx_full_space_group_name_H-M   ? 
_symmetry.cell_setting                     ? 
_symmetry.Int_Tables_number                179 
_symmetry.space_group_name_Hall            ? 
# 
_exptl.entry_id          4RBX 
_exptl.method            'X-RAY DIFFRACTION' 
_exptl.crystals_number   1 
# 
_exptl_crystal.id                    1 
_exptl_crystal.density_meas          ? 
_exptl_crystal.density_Matthews      2.39 
_exptl_crystal.density_percent_sol   48.45 
_exptl_crystal.description           ? 
_exptl_crystal.F_000                 ? 
_exptl_crystal.preparation           ? 
# 
_exptl_crystal_grow.crystal_id      1 
_exptl_crystal_grow.method          'VAPOR DIFFUSION, HANGING DROP' 
_exptl_crystal_grow.temp            298 
_exptl_crystal_grow.temp_details    ? 
_exptl_crystal_grow.pH              7.5 
_exptl_crystal_grow.pdbx_details    
'6.6% PEG 8000, 3.3% Isopropanol, 0.2M Ammonium sulfate and 0.1M Hepes pH7.5, VAPOR DIFFUSION, HANGING DROP, temperature 298K' 
_exptl_crystal_grow.pdbx_pH_range   ? 
# 
_diffrn.id                     1 
_diffrn.ambient_temp           100 
_diffrn.ambient_temp_details   ? 
_diffrn.crystal_id             1 
# 
_diffrn_detector.diffrn_id              1 
_diffrn_detector.detector               PIXEL 
_diffrn_detector.type                   'PSI PILATUS 6M' 
_diffrn_detector.pdbx_collection_date   2014-01-31 
_diffrn_detector.details                ? 
# 
_diffrn_radiation.diffrn_id                        1 
_diffrn_radiation.wavelength_id                    1 
_diffrn_radiation.pdbx_monochromatic_or_laue_m_l   M 
_diffrn_radiation.monochromator                    'Liquid nitrogen-cooled double crystal' 
_diffrn_radiation.pdbx_diffrn_protocol             'SINGLE WAVELENGTH' 
_diffrn_radiation.pdbx_scattering_type             x-ray 
# 
_diffrn_radiation_wavelength.id           1 
_diffrn_radiation_wavelength.wavelength   0.979 
_diffrn_radiation_wavelength.wt           1.0 
# 
_diffrn_source.diffrn_id                   1 
_diffrn_source.source                      SYNCHROTRON 
_diffrn_source.type                        'SSRL BEAMLINE BL12-2' 
_diffrn_source.pdbx_synchrotron_site       SSRL 
_diffrn_source.pdbx_synchrotron_beamline   BL12-2 
_diffrn_source.pdbx_wavelength             ? 
_diffrn_source.pdbx_wavelength_list        0.979 
# 
_reflns.entry_id                     4RBX 
_reflns.observed_criterion_sigma_I   0 
_reflns.observed_criterion_sigma_F   0 
_reflns.d_resolution_low             38.4 
_reflns.d_resolution_high            1.10 
_reflns.number_obs                   18233 
_reflns.number_all                   19818 
_reflns.percent_possible_obs         92.4 
_reflns.pdbx_Rmerge_I_obs            0.07 
_reflns.pdbx_netI_over_sigmaI        34.6 
_reflns.B_iso_Wilson_estimate        ? 
_reflns.pdbx_redundancy              28.3 
_reflns.R_free_details               ? 
_reflns.limit_h_max                  ? 
_reflns.limit_h_min                  ? 
_reflns.limit_k_max                  ? 
_reflns.limit_k_min                  ? 
_reflns.limit_l_max                  ? 
_reflns.limit_l_min                  ? 
_reflns.observed_criterion_F_max     ? 
_reflns.observed_criterion_F_min     ? 
_reflns.pdbx_chi_squared             ? 
_reflns.pdbx_scaling_rejects         ? 
_reflns.pdbx_Rsym_value              ? 
_reflns.pdbx_ordinal                 1 
_reflns.pdbx_diffrn_id               1 
# 
_reflns_shell.d_res_high             1.10 
_reflns_shell.d_res_low              1.13 
_reflns_shell.percent_possible_all   98.2 
_reflns_shell.Rmerge_I_obs           0.382 
_reflns_shell.pdbx_Rsym_value        ? 
_reflns_shell.meanI_over_sigI_obs    4.5 
_reflns_shell.pdbx_redundancy        11.5 
_reflns_shell.percent_possible_obs   ? 
_reflns_shell.number_unique_all      897 
_reflns_shell.number_measured_all    ? 
_reflns_shell.number_measured_obs    ? 
_reflns_shell.number_unique_obs      ? 
_reflns_shell.pdbx_chi_squared       ? 
_reflns_shell.pdbx_ordinal           1 
_reflns_shell.pdbx_diffrn_id         1 
# 
_refine.entry_id                                 4RBX 
_refine.ls_number_reflns_obs                     18233 
_refine.ls_number_reflns_all                     ? 
_refine.pdbx_ls_sigma_I                          ? 
_refine.pdbx_ls_sigma_F                          1.38 
_refine.pdbx_data_cutoff_high_absF               ? 
_refine.pdbx_data_cutoff_low_absF                ? 
_refine.pdbx_data_cutoff_high_rms_absF           ? 
_refine.ls_d_res_low                             36.336 
_refine.ls_d_res_high                            1.100 
_refine.ls_percent_reflns_obs                    99.83 
_refine.ls_R_factor_obs                          0.1860 
_refine.ls_R_factor_all                          ? 
_refine.ls_R_factor_R_work                       0.1858 
_refine.ls_R_factor_R_free                       0.1881 
_refine.ls_R_factor_R_free_error                 ? 
_refine.ls_R_factor_R_free_error_details         ? 
_refine.ls_percent_reflns_R_free                 5.10 
_refine.ls_number_reflns_R_free                  753 
_refine.ls_number_parameters                     ? 
_refine.ls_number_restraints                     ? 
_refine.occupancy_min                            ? 
_refine.occupancy_max                            ? 
_refine.correlation_coeff_Fo_to_Fc               ? 
_refine.correlation_coeff_Fo_to_Fc_free          ? 
_refine.B_iso_mean                               ? 
_refine.aniso_B[1][1]                            ? 
_refine.aniso_B[2][2]                            ? 
_refine.aniso_B[3][3]                            ? 
_refine.aniso_B[1][2]                            ? 
_refine.aniso_B[1][3]                            ? 
_refine.aniso_B[2][3]                            ? 
_refine.solvent_model_details                    'FLAT BULK SOLVENT MODEL' 
_refine.solvent_model_param_ksol                 ? 
_refine.solvent_model_param_bsol                 ? 
_refine.pdbx_solvent_vdw_probe_radii             1.11 
_refine.pdbx_solvent_ion_probe_radii             ? 
_refine.pdbx_solvent_shrinkage_radii             0.90 
_refine.pdbx_ls_cross_valid_method               THROUGHOUT 
_refine.details                                  ? 
_refine.pdbx_starting_model                      'PDB entry 1ZMP' 
_refine.pdbx_method_to_determine_struct          'MOLECULAR REPLACEMENT' 
_refine.pdbx_isotropic_thermal_model             ? 
_refine.pdbx_stereochemistry_target_values       'Engh & Huber' 
_refine.pdbx_stereochem_target_val_spec_case     ? 
_refine.pdbx_R_Free_selection_details            RANDOM 
_refine.pdbx_overall_ESU_R                       ? 
_refine.pdbx_overall_ESU_R_Free                  ? 
_refine.overall_SU_ML                            0.10 
_refine.pdbx_overall_phase_error                 17.51 
_refine.overall_SU_B                             ? 
_refine.overall_SU_R_Cruickshank_DPI             ? 
_refine.ls_redundancy_reflns_obs                 ? 
_refine.B_iso_min                                ? 
_refine.B_iso_max                                ? 
_refine.overall_SU_R_free                        ? 
_refine.ls_wR_factor_R_free                      ? 
_refine.ls_wR_factor_R_work                      ? 
_refine.overall_FOM_free_R_set                   ? 
_refine.overall_FOM_work_R_set                   ? 
_refine.pdbx_diffrn_id                           1 
_refine.pdbx_refine_id                           'X-RAY DIFFRACTION' 
_refine.pdbx_TLS_residual_ADP_flag               ? 
_refine.pdbx_overall_SU_R_free_Cruickshank_DPI   ? 
_refine.pdbx_overall_SU_R_Blow_DPI               ? 
_refine.pdbx_overall_SU_R_free_Blow_DPI          ? 
# 
_refine_hist.pdbx_refine_id                   'X-RAY DIFFRACTION' 
_refine_hist.cycle_id                         LAST 
_refine_hist.pdbx_number_atoms_protein        247 
_refine_hist.pdbx_number_atoms_nucleic_acid   0 
_refine_hist.pdbx_number_atoms_ligand         15 
_refine_hist.number_atoms_solvent             34 
_refine_hist.number_atoms_total               296 
_refine_hist.d_res_high                       1.100 
_refine_hist.d_res_low                        36.336 
# 
loop_
_refine_ls_restr.type 
_refine_ls_restr.dev_ideal 
_refine_ls_restr.dev_ideal_target 
_refine_ls_restr.weight 
_refine_ls_restr.number 
_refine_ls_restr.pdbx_restraint_function 
_refine_ls_restr.pdbx_refine_id 
f_bond_d       0.011  ? ? 318 ? 'X-RAY DIFFRACTION' 
f_angle_d      1.530  ? ? 428 ? 'X-RAY DIFFRACTION' 
f_mcangle_it   11.735 ? ? 117 ? 'X-RAY DIFFRACTION' 
f_chiral_restr 0.066  ? ? 43  ? 'X-RAY DIFFRACTION' 
f_plane_restr  0.006  ? ? 52  ? 'X-RAY DIFFRACTION' 
# 
loop_
_refine_ls_shell.pdbx_total_number_of_bins_used 
_refine_ls_shell.d_res_high 
_refine_ls_shell.d_res_low 
_refine_ls_shell.number_reflns_R_work 
_refine_ls_shell.R_factor_R_work 
_refine_ls_shell.percent_reflns_obs 
_refine_ls_shell.R_factor_R_free 
_refine_ls_shell.R_factor_R_free_error 
_refine_ls_shell.percent_reflns_R_free 
_refine_ls_shell.number_reflns_R_free 
_refine_ls_shell.number_reflns_all 
_refine_ls_shell.R_factor_all 
_refine_ls_shell.number_reflns_obs 
_refine_ls_shell.redundancy_reflns_obs 
_refine_ls_shell.pdbx_refine_id 
. 1.1000 1.1393  2509 0.2227 99.00  0.2671 . . 165 . . . . 'X-RAY DIFFRACTION' 
. 1.1393 1.1849  2575 0.2050 100.00 0.2003 . . 149 . . . . 'X-RAY DIFFRACTION' 
. 1.1849 1.2389  2594 0.1943 100.00 0.1809 . . 107 . . . . 'X-RAY DIFFRACTION' 
. 1.2389 1.3042  2584 0.1830 100.00 0.2191 . . 156 . . . . 'X-RAY DIFFRACTION' 
. 1.3042 1.3859  2554 0.1807 100.00 0.1696 . . 154 . . . . 'X-RAY DIFFRACTION' 
. 1.3859 1.4929  2585 0.1800 100.00 0.1856 . . 139 . . . . 'X-RAY DIFFRACTION' 
. 1.4929 1.6432  2583 0.1795 100.00 0.1981 . . 138 . . . . 'X-RAY DIFFRACTION' 
. 1.6432 1.8809  2578 0.1751 100.00 0.1762 . . 146 . . . . 'X-RAY DIFFRACTION' 
. 1.8809 2.3697  2628 0.1787 100.00 0.1766 . . 106 . . . . 'X-RAY DIFFRACTION' 
. 2.3697 36.3556 2598 0.1913 100.00 0.1855 . . 125 . . . . 'X-RAY DIFFRACTION' 
# 
_struct.entry_id                  4RBX 
_struct.title                     'Crystal structure of human alpha-defensin 5, HD5 (Glu21Arg mutant)' 
_struct.pdbx_model_details        ? 
_struct.pdbx_CASP_flag            ? 
_struct.pdbx_model_type_details   ? 
# 
_struct_keywords.entry_id        4RBX 
_struct_keywords.pdbx_keywords   'ANTIMICROBIAL PROTEIN' 
_struct_keywords.text            
'MUTANT E21R-HD5, BETA-SHEET, ANTIMICROBIAL PEPTIDE, PANETH CELLS DEFENSIN, HUMAN ALPHA-DEFENSIN, ANTIMICROBIAL PROTEIN' 
# 
loop_
_struct_asym.id 
_struct_asym.pdbx_blank_PDB_chainid_flag 
_struct_asym.pdbx_modified 
_struct_asym.entity_id 
_struct_asym.details 
A N N 1 ? 
B N N 2 ? 
C N N 2 ? 
D N N 2 ? 
E N N 3 ? 
# 
_struct_ref.id                         1 
_struct_ref.db_name                    UNP 
_struct_ref.db_code                    DEF5_HUMAN 
_struct_ref.pdbx_db_accession          Q01523 
_struct_ref.entity_id                  1 
_struct_ref.pdbx_seq_one_letter_code   ATCYCRTGRCATRESLSGVCEISGRLYRLCCR 
_struct_ref.pdbx_align_begin           63 
_struct_ref.pdbx_db_isoform            ? 
# 
_struct_ref_seq.align_id                      1 
_struct_ref_seq.ref_id                        1 
_struct_ref_seq.pdbx_PDB_id_code              4RBX 
_struct_ref_seq.pdbx_strand_id                A 
_struct_ref_seq.seq_align_beg                 1 
_struct_ref_seq.pdbx_seq_align_beg_ins_code   ? 
_struct_ref_seq.seq_align_end                 32 
_struct_ref_seq.pdbx_seq_align_end_ins_code   ? 
_struct_ref_seq.pdbx_db_accession             Q01523 
_struct_ref_seq.db_align_beg                  63 
_struct_ref_seq.pdbx_db_align_beg_ins_code    ? 
_struct_ref_seq.db_align_end                  94 
_struct_ref_seq.pdbx_db_align_end_ins_code    ? 
_struct_ref_seq.pdbx_auth_seq_align_beg       1 
_struct_ref_seq.pdbx_auth_seq_align_end       32 
# 
_struct_ref_seq_dif.align_id                     1 
_struct_ref_seq_dif.pdbx_pdb_id_code             4RBX 
_struct_ref_seq_dif.mon_id                       ARG 
_struct_ref_seq_dif.pdbx_pdb_strand_id           A 
_struct_ref_seq_dif.seq_num                      21 
_struct_ref_seq_dif.pdbx_pdb_ins_code            ? 
_struct_ref_seq_dif.pdbx_seq_db_name             UNP 
_struct_ref_seq_dif.pdbx_seq_db_accession_code   Q01523 
_struct_ref_seq_dif.db_mon_id                    GLU 
_struct_ref_seq_dif.pdbx_seq_db_seq_num          83 
_struct_ref_seq_dif.details                      'engineered mutation' 
_struct_ref_seq_dif.pdbx_auth_seq_num            21 
_struct_ref_seq_dif.pdbx_ordinal                 1 
# 
_pdbx_struct_assembly.id                   1 
_pdbx_struct_assembly.details              author_and_software_defined_assembly 
_pdbx_struct_assembly.method_details       PISA 
_pdbx_struct_assembly.oligomeric_details   monomeric 
_pdbx_struct_assembly.oligomeric_count     1 
# 
_pdbx_struct_assembly_gen.assembly_id       1 
_pdbx_struct_assembly_gen.oper_expression   1 
_pdbx_struct_assembly_gen.asym_id_list      A,B,C,D,E 
# 
_pdbx_struct_oper_list.id                   1 
_pdbx_struct_oper_list.type                 'identity operation' 
_pdbx_struct_oper_list.name                 1_555 
_pdbx_struct_oper_list.symmetry_operation   x,y,z 
_pdbx_struct_oper_list.matrix[1][1]         1.0000000000 
_pdbx_struct_oper_list.matrix[1][2]         0.0000000000 
_pdbx_struct_oper_list.matrix[1][3]         0.0000000000 
_pdbx_struct_oper_list.vector[1]            0.0000000000 
_pdbx_struct_oper_list.matrix[2][1]         0.0000000000 
_pdbx_struct_oper_list.matrix[2][2]         1.0000000000 
_pdbx_struct_oper_list.matrix[2][3]         0.0000000000 
_pdbx_struct_oper_list.vector[2]            0.0000000000 
_pdbx_struct_oper_list.matrix[3][1]         0.0000000000 
_pdbx_struct_oper_list.matrix[3][2]         0.0000000000 
_pdbx_struct_oper_list.matrix[3][3]         1.0000000000 
_pdbx_struct_oper_list.vector[3]            0.0000000000 
# 
_struct_biol.id        1 
_struct_biol.details   ? 
# 
loop_
_struct_conn.id 
_struct_conn.conn_type_id 
_struct_conn.pdbx_leaving_atom_flag 
_struct_conn.pdbx_PDB_id 
_struct_conn.ptnr1_label_asym_id 
_struct_conn.ptnr1_label_comp_id 
_struct_conn.ptnr1_label_seq_id 
_struct_conn.ptnr1_label_atom_id 
_struct_conn.pdbx_ptnr1_label_alt_id 
_struct_conn.pdbx_ptnr1_PDB_ins_code 
_struct_conn.pdbx_ptnr1_standard_comp_id 
_struct_conn.ptnr1_symmetry 
_struct_conn.ptnr2_label_asym_id 
_struct_conn.ptnr2_label_comp_id 
_struct_conn.ptnr2_label_seq_id 
_struct_conn.ptnr2_label_atom_id 
_struct_conn.pdbx_ptnr2_label_alt_id 
_struct_conn.pdbx_ptnr2_PDB_ins_code 
_struct_conn.ptnr1_auth_asym_id 
_struct_conn.ptnr1_auth_comp_id 
_struct_conn.ptnr1_auth_seq_id 
_struct_conn.ptnr2_auth_asym_id 
_struct_conn.ptnr2_auth_comp_id 
_struct_conn.ptnr2_auth_seq_id 
_struct_conn.ptnr2_symmetry 
_struct_conn.pdbx_ptnr3_label_atom_id 
_struct_conn.pdbx_ptnr3_label_seq_id 
_struct_conn.pdbx_ptnr3_label_comp_id 
_struct_conn.pdbx_ptnr3_label_asym_id 
_struct_conn.pdbx_ptnr3_label_alt_id 
_struct_conn.pdbx_ptnr3_PDB_ins_code 
_struct_conn.details 
_struct_conn.pdbx_dist_value 
_struct_conn.pdbx_value_order 
_struct_conn.pdbx_role 
disulf1 disulf ? ? A CYS 3  SG ? ? ? 1_555 A CYS 31 SG ? ? A CYS 3  A CYS 31 1_555 ? ? ? ? ? ? ? 2.085 ? ? 
disulf2 disulf ? ? A CYS 5  SG ? ? ? 1_555 A CYS 20 SG ? ? A CYS 5  A CYS 20 1_555 ? ? ? ? ? ? ? 2.049 ? ? 
disulf3 disulf ? ? A CYS 10 SG ? ? ? 1_555 A CYS 30 SG ? ? A CYS 10 A CYS 30 1_555 ? ? ? ? ? ? ? 2.055 ? ? 
# 
_struct_conn_type.id          disulf 
_struct_conn_type.criteria    ? 
_struct_conn_type.reference   ? 
# 
loop_
_pdbx_modification_feature.ordinal 
_pdbx_modification_feature.label_comp_id 
_pdbx_modification_feature.label_asym_id 
_pdbx_modification_feature.label_seq_id 
_pdbx_modification_feature.label_alt_id 
_pdbx_modification_feature.modified_residue_label_comp_id 
_pdbx_modification_feature.modified_residue_label_asym_id 
_pdbx_modification_feature.modified_residue_label_seq_id 
_pdbx_modification_feature.modified_residue_label_alt_id 
_pdbx_modification_feature.auth_comp_id 
_pdbx_modification_feature.auth_asym_id 
_pdbx_modification_feature.auth_seq_id 
_pdbx_modification_feature.PDB_ins_code 
_pdbx_modification_feature.symmetry 
_pdbx_modification_feature.modified_residue_auth_comp_id 
_pdbx_modification_feature.modified_residue_auth_asym_id 
_pdbx_modification_feature.modified_residue_auth_seq_id 
_pdbx_modification_feature.modified_residue_PDB_ins_code 
_pdbx_modification_feature.modified_residue_symmetry 
_pdbx_modification_feature.comp_id_linking_atom 
_pdbx_modification_feature.modified_residue_id_linking_atom 
_pdbx_modification_feature.modified_residue_id 
_pdbx_modification_feature.ref_pcm_id 
_pdbx_modification_feature.ref_comp_id 
_pdbx_modification_feature.type 
_pdbx_modification_feature.category 
1 CYS A 3  ? CYS A 31 ? CYS A 3  ? 1_555 CYS A 31 ? 1_555 SG SG . . . None 'Disulfide bridge' 
2 CYS A 5  ? CYS A 20 ? CYS A 5  ? 1_555 CYS A 20 ? 1_555 SG SG . . . None 'Disulfide bridge' 
3 CYS A 10 ? CYS A 30 ? CYS A 10 ? 1_555 CYS A 30 ? 1_555 SG SG . . . None 'Disulfide bridge' 
# 
_struct_sheet.id               A 
_struct_sheet.type             ? 
_struct_sheet.number_strands   3 
_struct_sheet.details          ? 
# 
loop_
_struct_sheet_order.sheet_id 
_struct_sheet_order.range_id_1 
_struct_sheet_order.range_id_2 
_struct_sheet_order.offset 
_struct_sheet_order.sense 
A 1 2 ? anti-parallel 
A 2 3 ? anti-parallel 
# 
loop_
_struct_sheet_range.sheet_id 
_struct_sheet_range.id 
_struct_sheet_range.beg_label_comp_id 
_struct_sheet_range.beg_label_asym_id 
_struct_sheet_range.beg_label_seq_id 
_struct_sheet_range.pdbx_beg_PDB_ins_code 
_struct_sheet_range.end_label_comp_id 
_struct_sheet_range.end_label_asym_id 
_struct_sheet_range.end_label_seq_id 
_struct_sheet_range.pdbx_end_PDB_ins_code 
_struct_sheet_range.beg_auth_comp_id 
_struct_sheet_range.beg_auth_asym_id 
_struct_sheet_range.beg_auth_seq_id 
_struct_sheet_range.end_auth_comp_id 
_struct_sheet_range.end_auth_asym_id 
_struct_sheet_range.end_auth_seq_id 
A 1 CYS A 3  ? ARG A 6  ? CYS A 3  ARG A 6  
A 2 ARG A 25 ? CYS A 31 ? ARG A 25 CYS A 31 
A 3 SER A 15 ? ILE A 22 ? SER A 15 ILE A 22 
# 
loop_
_pdbx_struct_sheet_hbond.sheet_id 
_pdbx_struct_sheet_hbond.range_id_1 
_pdbx_struct_sheet_hbond.range_id_2 
_pdbx_struct_sheet_hbond.range_1_label_atom_id 
_pdbx_struct_sheet_hbond.range_1_label_comp_id 
_pdbx_struct_sheet_hbond.range_1_label_asym_id 
_pdbx_struct_sheet_hbond.range_1_label_seq_id 
_pdbx_struct_sheet_hbond.range_1_PDB_ins_code 
_pdbx_struct_sheet_hbond.range_1_auth_atom_id 
_pdbx_struct_sheet_hbond.range_1_auth_comp_id 
_pdbx_struct_sheet_hbond.range_1_auth_asym_id 
_pdbx_struct_sheet_hbond.range_1_auth_seq_id 
_pdbx_struct_sheet_hbond.range_2_label_atom_id 
_pdbx_struct_sheet_hbond.range_2_label_comp_id 
_pdbx_struct_sheet_hbond.range_2_label_asym_id 
_pdbx_struct_sheet_hbond.range_2_label_seq_id 
_pdbx_struct_sheet_hbond.range_2_PDB_ins_code 
_pdbx_struct_sheet_hbond.range_2_auth_atom_id 
_pdbx_struct_sheet_hbond.range_2_auth_comp_id 
_pdbx_struct_sheet_hbond.range_2_auth_asym_id 
_pdbx_struct_sheet_hbond.range_2_auth_seq_id 
A 1 2 N TYR A 4  ? N TYR A 4  O CYS A 30 ? O CYS A 30 
A 2 3 O LEU A 29 ? O LEU A 29 N SER A 17 ? N SER A 17 
# 
loop_
_struct_site.id 
_struct_site.pdbx_evidence_code 
_struct_site.pdbx_auth_asym_id 
_struct_site.pdbx_auth_comp_id 
_struct_site.pdbx_auth_seq_id 
_struct_site.pdbx_auth_ins_code 
_struct_site.pdbx_num_residues 
_struct_site.details 
AC1 Software A SO4 101 ? 9  'BINDING SITE FOR RESIDUE SO4 A 101' 
AC2 Software A SO4 102 ? 10 'BINDING SITE FOR RESIDUE SO4 A 102' 
AC3 Software A SO4 103 ? 8  'BINDING SITE FOR RESIDUE SO4 A 103' 
# 
loop_
_struct_site_gen.id 
_struct_site_gen.site_id 
_struct_site_gen.pdbx_num_res 
_struct_site_gen.label_comp_id 
_struct_site_gen.label_asym_id 
_struct_site_gen.label_seq_id 
_struct_site_gen.pdbx_auth_ins_code 
_struct_site_gen.auth_comp_id 
_struct_site_gen.auth_asym_id 
_struct_site_gen.auth_seq_id 
_struct_site_gen.label_atom_id 
_struct_site_gen.label_alt_id 
_struct_site_gen.symmetry 
_struct_site_gen.details 
1  AC1 9  GLY A 8  ? GLY A 8   . ? 1_555  ? 
2  AC1 9  ARG A 9  ? ARG A 9   . ? 1_555  ? 
3  AC1 9  ARG A 9  ? ARG A 9   . ? 12_547 ? 
4  AC1 9  ARG A 13 ? ARG A 13  . ? 7_547  ? 
5  AC1 9  ARG A 21 ? ARG A 21  . ? 11_557 ? 
6  AC1 9  ARG A 21 ? ARG A 21  . ? 3_545  ? 
7  AC1 9  ARG A 28 ? ARG A 28  . ? 1_555  ? 
8  AC1 9  ARG A 32 ? ARG A 32  . ? 7_547  ? 
9  AC1 9  HOH E .  ? HOH A 230 . ? 1_555  ? 
10 AC2 10 ALA A 1  ? ALA A 1   . ? 5_555  ? 
11 AC2 10 THR A 2  ? THR A 2   . ? 5_555  ? 
12 AC2 10 ARG A 9  ? ARG A 9   . ? 1_555  ? 
13 AC2 10 CYS A 10 ? CYS A 10  . ? 1_555  ? 
14 AC2 10 LEU A 16 ? LEU A 16  . ? 1_555  ? 
15 AC2 10 ARG A 28 ? ARG A 28  . ? 1_555  ? 
16 AC2 10 ARG A 32 ? ARG A 32  . ? 5_555  ? 
17 AC2 10 HOH E .  ? HOH A 205 . ? 1_555  ? 
18 AC2 10 HOH E .  ? HOH A 214 . ? 5_555  ? 
19 AC2 10 HOH E .  ? HOH A 218 . ? 1_555  ? 
20 AC3 8  ARG A 6  ? ARG A 6   . ? 1_555  ? 
21 AC3 8  THR A 7  ? THR A 7   . ? 1_555  ? 
22 AC3 8  GLY A 8  ? GLY A 8   . ? 1_555  ? 
23 AC3 8  SER A 23 ? SER A 23  . ? 5_655  ? 
24 AC3 8  ARG A 25 ? ARG A 25  . ? 5_655  ? 
25 AC3 8  HOH E .  ? HOH A 220 . ? 1_555  ? 
26 AC3 8  HOH E .  ? HOH A 222 . ? 1_555  ? 
27 AC3 8  HOH E .  ? HOH A 231 . ? 1_555  ? 
# 
_pdbx_entry_details.entry_id                   4RBX 
_pdbx_entry_details.compound_details           ? 
_pdbx_entry_details.source_details             ? 
_pdbx_entry_details.nonpolymer_details         ? 
_pdbx_entry_details.sequence_details           ? 
_pdbx_entry_details.has_ligand_of_interest     ? 
_pdbx_entry_details.has_protein_modification   Y 
# 
loop_
_pdbx_validate_close_contact.id 
_pdbx_validate_close_contact.PDB_model_num 
_pdbx_validate_close_contact.auth_atom_id_1 
_pdbx_validate_close_contact.auth_asym_id_1 
_pdbx_validate_close_contact.auth_comp_id_1 
_pdbx_validate_close_contact.auth_seq_id_1 
_pdbx_validate_close_contact.PDB_ins_code_1 
_pdbx_validate_close_contact.label_alt_id_1 
_pdbx_validate_close_contact.auth_atom_id_2 
_pdbx_validate_close_contact.auth_asym_id_2 
_pdbx_validate_close_contact.auth_comp_id_2 
_pdbx_validate_close_contact.auth_seq_id_2 
_pdbx_validate_close_contact.PDB_ins_code_2 
_pdbx_validate_close_contact.label_alt_id_2 
_pdbx_validate_close_contact.dist 
1 1 O  A HOH 211 ? ? O A HOH 230 ? ? 1.88 
2 1 O  A HOH 226 ? ? O A HOH 234 ? ? 2.17 
3 1 O4 A SO4 103 ? A O A HOH 222 ? ? 2.19 
# 
loop_
_pdbx_validate_symm_contact.id 
_pdbx_validate_symm_contact.PDB_model_num 
_pdbx_validate_symm_contact.auth_atom_id_1 
_pdbx_validate_symm_contact.auth_asym_id_1 
_pdbx_validate_symm_contact.auth_comp_id_1 
_pdbx_validate_symm_contact.auth_seq_id_1 
_pdbx_validate_symm_contact.PDB_ins_code_1 
_pdbx_validate_symm_contact.label_alt_id_1 
_pdbx_validate_symm_contact.site_symmetry_1 
_pdbx_validate_symm_contact.auth_atom_id_2 
_pdbx_validate_symm_contact.auth_asym_id_2 
_pdbx_validate_symm_contact.auth_comp_id_2 
_pdbx_validate_symm_contact.auth_seq_id_2 
_pdbx_validate_symm_contact.PDB_ins_code_2 
_pdbx_validate_symm_contact.label_alt_id_2 
_pdbx_validate_symm_contact.site_symmetry_2 
_pdbx_validate_symm_contact.dist 
1 1 HH12 A ARG 9   ? ? 1_555 O A HOH 230 ? ? 12_547 1.24 
2 1 NH1  A ARG 9   ? ? 1_555 O A HOH 230 ? ? 12_547 1.94 
3 1 O    A HOH 210 ? ? 1_555 O A HOH 215 ? ? 11_557 2.02 
4 1 NH2  A ARG 13  ? B 1_555 O A HOH 201 ? ? 7_657  2.19 
# 
_pdbx_validate_torsion.id              1 
_pdbx_validate_torsion.PDB_model_num   1 
_pdbx_validate_torsion.auth_comp_id    SER 
_pdbx_validate_torsion.auth_asym_id    A 
_pdbx_validate_torsion.auth_seq_id     17 
_pdbx_validate_torsion.PDB_ins_code    ? 
_pdbx_validate_torsion.label_alt_id    B 
_pdbx_validate_torsion.phi             -145.31 
_pdbx_validate_torsion.psi             13.38 
# 
loop_
_chem_comp_atom.comp_id 
_chem_comp_atom.atom_id 
_chem_comp_atom.type_symbol 
_chem_comp_atom.pdbx_aromatic_flag 
_chem_comp_atom.pdbx_stereo_config 
_chem_comp_atom.pdbx_ordinal 
ALA N    N N N 1   
ALA CA   C N S 2   
ALA C    C N N 3   
ALA O    O N N 4   
ALA CB   C N N 5   
ALA OXT  O N N 6   
ALA H    H N N 7   
ALA H2   H N N 8   
ALA HA   H N N 9   
ALA HB1  H N N 10  
ALA HB2  H N N 11  
ALA HB3  H N N 12  
ALA HXT  H N N 13  
ARG N    N N N 14  
ARG CA   C N S 15  
ARG C    C N N 16  
ARG O    O N N 17  
ARG CB   C N N 18  
ARG CG   C N N 19  
ARG CD   C N N 20  
ARG NE   N N N 21  
ARG CZ   C N N 22  
ARG NH1  N N N 23  
ARG NH2  N N N 24  
ARG OXT  O N N 25  
ARG H    H N N 26  
ARG H2   H N N 27  
ARG HA   H N N 28  
ARG HB2  H N N 29  
ARG HB3  H N N 30  
ARG HG2  H N N 31  
ARG HG3  H N N 32  
ARG HD2  H N N 33  
ARG HD3  H N N 34  
ARG HE   H N N 35  
ARG HH11 H N N 36  
ARG HH12 H N N 37  
ARG HH21 H N N 38  
ARG HH22 H N N 39  
ARG HXT  H N N 40  
CYS N    N N N 41  
CYS CA   C N R 42  
CYS C    C N N 43  
CYS O    O N N 44  
CYS CB   C N N 45  
CYS SG   S N N 46  
CYS OXT  O N N 47  
CYS H    H N N 48  
CYS H2   H N N 49  
CYS HA   H N N 50  
CYS HB2  H N N 51  
CYS HB3  H N N 52  
CYS HG   H N N 53  
CYS HXT  H N N 54  
GLU N    N N N 55  
GLU CA   C N S 56  
GLU C    C N N 57  
GLU O    O N N 58  
GLU CB   C N N 59  
GLU CG   C N N 60  
GLU CD   C N N 61  
GLU OE1  O N N 62  
GLU OE2  O N N 63  
GLU OXT  O N N 64  
GLU H    H N N 65  
GLU H2   H N N 66  
GLU HA   H N N 67  
GLU HB2  H N N 68  
GLU HB3  H N N 69  
GLU HG2  H N N 70  
GLU HG3  H N N 71  
GLU HE2  H N N 72  
GLU HXT  H N N 73  
GLY N    N N N 74  
GLY CA   C N N 75  
GLY C    C N N 76  
GLY O    O N N 77  
GLY OXT  O N N 78  
GLY H    H N N 79  
GLY H2   H N N 80  
GLY HA2  H N N 81  
GLY HA3  H N N 82  
GLY HXT  H N N 83  
HOH O    O N N 84  
HOH H1   H N N 85  
HOH H2   H N N 86  
ILE N    N N N 87  
ILE CA   C N S 88  
ILE C    C N N 89  
ILE O    O N N 90  
ILE CB   C N S 91  
ILE CG1  C N N 92  
ILE CG2  C N N 93  
ILE CD1  C N N 94  
ILE OXT  O N N 95  
ILE H    H N N 96  
ILE H2   H N N 97  
ILE HA   H N N 98  
ILE HB   H N N 99  
ILE HG12 H N N 100 
ILE HG13 H N N 101 
ILE HG21 H N N 102 
ILE HG22 H N N 103 
ILE HG23 H N N 104 
ILE HD11 H N N 105 
ILE HD12 H N N 106 
ILE HD13 H N N 107 
ILE HXT  H N N 108 
LEU N    N N N 109 
LEU CA   C N S 110 
LEU C    C N N 111 
LEU O    O N N 112 
LEU CB   C N N 113 
LEU CG   C N N 114 
LEU CD1  C N N 115 
LEU CD2  C N N 116 
LEU OXT  O N N 117 
LEU H    H N N 118 
LEU H2   H N N 119 
LEU HA   H N N 120 
LEU HB2  H N N 121 
LEU HB3  H N N 122 
LEU HG   H N N 123 
LEU HD11 H N N 124 
LEU HD12 H N N 125 
LEU HD13 H N N 126 
LEU HD21 H N N 127 
LEU HD22 H N N 128 
LEU HD23 H N N 129 
LEU HXT  H N N 130 
SER N    N N N 131 
SER CA   C N S 132 
SER C    C N N 133 
SER O    O N N 134 
SER CB   C N N 135 
SER OG   O N N 136 
SER OXT  O N N 137 
SER H    H N N 138 
SER H2   H N N 139 
SER HA   H N N 140 
SER HB2  H N N 141 
SER HB3  H N N 142 
SER HG   H N N 143 
SER HXT  H N N 144 
SO4 S    S N N 145 
SO4 O1   O N N 146 
SO4 O2   O N N 147 
SO4 O3   O N N 148 
SO4 O4   O N N 149 
THR N    N N N 150 
THR CA   C N S 151 
THR C    C N N 152 
THR O    O N N 153 
THR CB   C N R 154 
THR OG1  O N N 155 
THR CG2  C N N 156 
THR OXT  O N N 157 
THR H    H N N 158 
THR H2   H N N 159 
THR HA   H N N 160 
THR HB   H N N 161 
THR HG1  H N N 162 
THR HG21 H N N 163 
THR HG22 H N N 164 
THR HG23 H N N 165 
THR HXT  H N N 166 
TYR N    N N N 167 
TYR CA   C N S 168 
TYR C    C N N 169 
TYR O    O N N 170 
TYR CB   C N N 171 
TYR CG   C Y N 172 
TYR CD1  C Y N 173 
TYR CD2  C Y N 174 
TYR CE1  C Y N 175 
TYR CE2  C Y N 176 
TYR CZ   C Y N 177 
TYR OH   O N N 178 
TYR OXT  O N N 179 
TYR H    H N N 180 
TYR H2   H N N 181 
TYR HA   H N N 182 
TYR HB2  H N N 183 
TYR HB3  H N N 184 
TYR HD1  H N N 185 
TYR HD2  H N N 186 
TYR HE1  H N N 187 
TYR HE2  H N N 188 
TYR HH   H N N 189 
TYR HXT  H N N 190 
VAL N    N N N 191 
VAL CA   C N S 192 
VAL C    C N N 193 
VAL O    O N N 194 
VAL CB   C N N 195 
VAL CG1  C N N 196 
VAL CG2  C N N 197 
VAL OXT  O N N 198 
VAL H    H N N 199 
VAL H2   H N N 200 
VAL HA   H N N 201 
VAL HB   H N N 202 
VAL HG11 H N N 203 
VAL HG12 H N N 204 
VAL HG13 H N N 205 
VAL HG21 H N N 206 
VAL HG22 H N N 207 
VAL HG23 H N N 208 
VAL HXT  H N N 209 
# 
loop_
_chem_comp_bond.comp_id 
_chem_comp_bond.atom_id_1 
_chem_comp_bond.atom_id_2 
_chem_comp_bond.value_order 
_chem_comp_bond.pdbx_aromatic_flag 
_chem_comp_bond.pdbx_stereo_config 
_chem_comp_bond.pdbx_ordinal 
ALA N   CA   sing N N 1   
ALA N   H    sing N N 2   
ALA N   H2   sing N N 3   
ALA CA  C    sing N N 4   
ALA CA  CB   sing N N 5   
ALA CA  HA   sing N N 6   
ALA C   O    doub N N 7   
ALA C   OXT  sing N N 8   
ALA CB  HB1  sing N N 9   
ALA CB  HB2  sing N N 10  
ALA CB  HB3  sing N N 11  
ALA OXT HXT  sing N N 12  
ARG N   CA   sing N N 13  
ARG N   H    sing N N 14  
ARG N   H2   sing N N 15  
ARG CA  C    sing N N 16  
ARG CA  CB   sing N N 17  
ARG CA  HA   sing N N 18  
ARG C   O    doub N N 19  
ARG C   OXT  sing N N 20  
ARG CB  CG   sing N N 21  
ARG CB  HB2  sing N N 22  
ARG CB  HB3  sing N N 23  
ARG CG  CD   sing N N 24  
ARG CG  HG2  sing N N 25  
ARG CG  HG3  sing N N 26  
ARG CD  NE   sing N N 27  
ARG CD  HD2  sing N N 28  
ARG CD  HD3  sing N N 29  
ARG NE  CZ   sing N N 30  
ARG NE  HE   sing N N 31  
ARG CZ  NH1  sing N N 32  
ARG CZ  NH2  doub N N 33  
ARG NH1 HH11 sing N N 34  
ARG NH1 HH12 sing N N 35  
ARG NH2 HH21 sing N N 36  
ARG NH2 HH22 sing N N 37  
ARG OXT HXT  sing N N 38  
CYS N   CA   sing N N 39  
CYS N   H    sing N N 40  
CYS N   H2   sing N N 41  
CYS CA  C    sing N N 42  
CYS CA  CB   sing N N 43  
CYS CA  HA   sing N N 44  
CYS C   O    doub N N 45  
CYS C   OXT  sing N N 46  
CYS CB  SG   sing N N 47  
CYS CB  HB2  sing N N 48  
CYS CB  HB3  sing N N 49  
CYS SG  HG   sing N N 50  
CYS OXT HXT  sing N N 51  
GLU N   CA   sing N N 52  
GLU N   H    sing N N 53  
GLU N   H2   sing N N 54  
GLU CA  C    sing N N 55  
GLU CA  CB   sing N N 56  
GLU CA  HA   sing N N 57  
GLU C   O    doub N N 58  
GLU C   OXT  sing N N 59  
GLU CB  CG   sing N N 60  
GLU CB  HB2  sing N N 61  
GLU CB  HB3  sing N N 62  
GLU CG  CD   sing N N 63  
GLU CG  HG2  sing N N 64  
GLU CG  HG3  sing N N 65  
GLU CD  OE1  doub N N 66  
GLU CD  OE2  sing N N 67  
GLU OE2 HE2  sing N N 68  
GLU OXT HXT  sing N N 69  
GLY N   CA   sing N N 70  
GLY N   H    sing N N 71  
GLY N   H2   sing N N 72  
GLY CA  C    sing N N 73  
GLY CA  HA2  sing N N 74  
GLY CA  HA3  sing N N 75  
GLY C   O    doub N N 76  
GLY C   OXT  sing N N 77  
GLY OXT HXT  sing N N 78  
HOH O   H1   sing N N 79  
HOH O   H2   sing N N 80  
ILE N   CA   sing N N 81  
ILE N   H    sing N N 82  
ILE N   H2   sing N N 83  
ILE CA  C    sing N N 84  
ILE CA  CB   sing N N 85  
ILE CA  HA   sing N N 86  
ILE C   O    doub N N 87  
ILE C   OXT  sing N N 88  
ILE CB  CG1  sing N N 89  
ILE CB  CG2  sing N N 90  
ILE CB  HB   sing N N 91  
ILE CG1 CD1  sing N N 92  
ILE CG1 HG12 sing N N 93  
ILE CG1 HG13 sing N N 94  
ILE CG2 HG21 sing N N 95  
ILE CG2 HG22 sing N N 96  
ILE CG2 HG23 sing N N 97  
ILE CD1 HD11 sing N N 98  
ILE CD1 HD12 sing N N 99  
ILE CD1 HD13 sing N N 100 
ILE OXT HXT  sing N N 101 
LEU N   CA   sing N N 102 
LEU N   H    sing N N 103 
LEU N   H2   sing N N 104 
LEU CA  C    sing N N 105 
LEU CA  CB   sing N N 106 
LEU CA  HA   sing N N 107 
LEU C   O    doub N N 108 
LEU C   OXT  sing N N 109 
LEU CB  CG   sing N N 110 
LEU CB  HB2  sing N N 111 
LEU CB  HB3  sing N N 112 
LEU CG  CD1  sing N N 113 
LEU CG  CD2  sing N N 114 
LEU CG  HG   sing N N 115 
LEU CD1 HD11 sing N N 116 
LEU CD1 HD12 sing N N 117 
LEU CD1 HD13 sing N N 118 
LEU CD2 HD21 sing N N 119 
LEU CD2 HD22 sing N N 120 
LEU CD2 HD23 sing N N 121 
LEU OXT HXT  sing N N 122 
SER N   CA   sing N N 123 
SER N   H    sing N N 124 
SER N   H2   sing N N 125 
SER CA  C    sing N N 126 
SER CA  CB   sing N N 127 
SER CA  HA   sing N N 128 
SER C   O    doub N N 129 
SER C   OXT  sing N N 130 
SER CB  OG   sing N N 131 
SER CB  HB2  sing N N 132 
SER CB  HB3  sing N N 133 
SER OG  HG   sing N N 134 
SER OXT HXT  sing N N 135 
SO4 S   O1   doub N N 136 
SO4 S   O2   doub N N 137 
SO4 S   O3   sing N N 138 
SO4 S   O4   sing N N 139 
THR N   CA   sing N N 140 
THR N   H    sing N N 141 
THR N   H2   sing N N 142 
THR CA  C    sing N N 143 
THR CA  CB   sing N N 144 
THR CA  HA   sing N N 145 
THR C   O    doub N N 146 
THR C   OXT  sing N N 147 
THR CB  OG1  sing N N 148 
THR CB  CG2  sing N N 149 
THR CB  HB   sing N N 150 
THR OG1 HG1  sing N N 151 
THR CG2 HG21 sing N N 152 
THR CG2 HG22 sing N N 153 
THR CG2 HG23 sing N N 154 
THR OXT HXT  sing N N 155 
TYR N   CA   sing N N 156 
TYR N   H    sing N N 157 
TYR N   H2   sing N N 158 
TYR CA  C    sing N N 159 
TYR CA  CB   sing N N 160 
TYR CA  HA   sing N N 161 
TYR C   O    doub N N 162 
TYR C   OXT  sing N N 163 
TYR CB  CG   sing N N 164 
TYR CB  HB2  sing N N 165 
TYR CB  HB3  sing N N 166 
TYR CG  CD1  doub Y N 167 
TYR CG  CD2  sing Y N 168 
TYR CD1 CE1  sing Y N 169 
TYR CD1 HD1  sing N N 170 
TYR CD2 CE2  doub Y N 171 
TYR CD2 HD2  sing N N 172 
TYR CE1 CZ   doub Y N 173 
TYR CE1 HE1  sing N N 174 
TYR CE2 CZ   sing Y N 175 
TYR CE2 HE2  sing N N 176 
TYR CZ  OH   sing N N 177 
TYR OH  HH   sing N N 178 
TYR OXT HXT  sing N N 179 
VAL N   CA   sing N N 180 
VAL N   H    sing N N 181 
VAL N   H2   sing N N 182 
VAL CA  C    sing N N 183 
VAL CA  CB   sing N N 184 
VAL CA  HA   sing N N 185 
VAL C   O    doub N N 186 
VAL C   OXT  sing N N 187 
VAL CB  CG1  sing N N 188 
VAL CB  CG2  sing N N 189 
VAL CB  HB   sing N N 190 
VAL CG1 HG11 sing N N 191 
VAL CG1 HG12 sing N N 192 
VAL CG1 HG13 sing N N 193 
VAL CG2 HG21 sing N N 194 
VAL CG2 HG22 sing N N 195 
VAL CG2 HG23 sing N N 196 
VAL OXT HXT  sing N N 197 
# 
_pdbx_initial_refinement_model.id               1 
_pdbx_initial_refinement_model.entity_id_list   ? 
_pdbx_initial_refinement_model.type             'experimental model' 
_pdbx_initial_refinement_model.source_name      PDB 
_pdbx_initial_refinement_model.accession_code   1ZMP 
_pdbx_initial_refinement_model.details          'PDB entry 1ZMP' 
# 
_atom_sites.entry_id                    4RBX 
_atom_sites.fract_transf_matrix[1][1]   -0.01158830 
_atom_sites.fract_transf_matrix[1][2]   0.01207845 
_atom_sites.fract_transf_matrix[1][3]   0.02184599 
_atom_sites.fract_transf_matrix[2][1]   -0.01048815 
_atom_sites.fract_transf_matrix[2][2]   0.02534526 
_atom_sites.fract_transf_matrix[2][3]   -0.00224091 
_atom_sites.fract_transf_matrix[3][1]   -0.01301524 
_atom_sites.fract_transf_matrix[3][2]   -0.00571681 
_atom_sites.fract_transf_matrix[3][3]   -0.00374322 
_atom_sites.fract_transf_vector[1]      -0.057784 
_atom_sites.fract_transf_vector[2]      -0.459661 
_atom_sites.fract_transf_vector[3]      1.253695 
# 
loop_
_atom_type.symbol 
C 
H 
N 
O 
S 
# 
loop_
_atom_site.group_PDB 
_atom_site.id 
_atom_site.type_symbol 
_atom_site.label_atom_id 
_atom_site.label_alt_id 
_atom_site.label_comp_id 
_atom_site.label_asym_id 
_atom_site.label_entity_id 
_atom_site.label_seq_id 
_atom_site.pdbx_PDB_ins_code 
_atom_site.Cartn_x 
_atom_site.Cartn_y 
_atom_site.Cartn_z 
_atom_site.occupancy 
_atom_site.B_iso_or_equiv 
_atom_site.pdbx_formal_charge 
_atom_site.auth_seq_id 
_atom_site.auth_comp_id 
_atom_site.auth_asym_id 
_atom_site.auth_atom_id 
_atom_site.pdbx_PDB_model_num 
ATOM   1   N N    . ALA A 1 1  ? -0.736  12.158  5.123  1.00 10.12 ? 1   ALA A N    1 
ATOM   2   C CA   . ALA A 1 1  ? -1.375  10.868  4.792  1.00 8.78  ? 1   ALA A CA   1 
ATOM   3   C C    . ALA A 1 1  ? -0.826  9.771   5.679  1.00 7.62  ? 1   ALA A C    1 
ATOM   4   O O    . ALA A 1 1  ? 0.346   9.788   6.050  1.00 8.03  ? 1   ALA A O    1 
ATOM   5   C CB   . ALA A 1 1  ? -1.132  10.518  3.347  1.00 12.78 ? 1   ALA A CB   1 
ATOM   6   H H1   . ALA A 1 1  ? -1.242  12.826  4.822  1.00 12.15 ? 1   ALA A H1   1 
ATOM   7   H H2   . ALA A 1 1  ? -0.647  12.227  6.006  1.00 12.15 ? 1   ALA A H2   1 
ATOM   8   H H3   . ALA A 1 1  ? 0.067   12.199  4.741  1.00 12.15 ? 1   ALA A H3   1 
ATOM   9   H HA   . ALA A 1 1  ? -2.332  10.933  4.937  1.00 10.54 ? 1   ALA A HA   1 
ATOM   10  H HB1  . ALA A 1 1  ? -1.560  9.669   3.152  1.00 15.34 ? 1   ALA A HB1  1 
ATOM   11  H HB2  . ALA A 1 1  ? -1.508  11.214  2.786  1.00 15.34 ? 1   ALA A HB2  1 
ATOM   12  H HB3  . ALA A 1 1  ? -0.177  10.450  3.195  1.00 15.34 ? 1   ALA A HB3  1 
ATOM   13  N N    . THR A 1 2  ? -1.702  8.824   5.991  1.00 6.51  ? 2   THR A N    1 
ATOM   14  C CA   . THR A 1 2  ? -1.396  7.684   6.831  1.00 6.14  ? 2   THR A CA   1 
ATOM   15  C C    . THR A 1 2  ? -1.495  6.447   5.978  1.00 5.76  ? 2   THR A C    1 
ATOM   16  O O    . THR A 1 2  ? -2.497  6.225   5.290  1.00 7.43  ? 2   THR A O    1 
ATOM   17  C CB   . THR A 1 2  ? -2.388  7.624   7.990  1.00 6.88  ? 2   THR A CB   1 
ATOM   18  O OG1  . THR A 1 2  ? -2.276  8.817   8.759  1.00 8.35  ? 2   THR A OG1  1 
ATOM   19  C CG2  . THR A 1 2  ? -2.115  6.459   8.907  1.00 9.36  ? 2   THR A CG2  1 
ATOM   20  H H    . THR A 1 2  ? -2.516  8.825   5.714  1.00 7.81  ? 2   THR A H    1 
ATOM   21  H HA   . THR A 1 2  ? -0.496  7.758   7.183  1.00 7.37  ? 2   THR A HA   1 
ATOM   22  H HB   . THR A 1 2  ? -3.290  7.542   7.644  1.00 8.26  ? 2   THR A HB   1 
ATOM   23  H HG1  . THR A 1 2  ? -2.447  9.486   8.279  1.00 10.02 ? 2   THR A HG1  1 
ATOM   24  H HG21 . THR A 1 2  ? -2.760  6.449   9.631  1.00 11.23 ? 2   THR A HG21 1 
ATOM   25  H HG22 . THR A 1 2  ? -2.182  5.627   8.413  1.00 11.23 ? 2   THR A HG22 1 
ATOM   26  H HG23 . THR A 1 2  ? -1.224  6.533   9.280  1.00 11.23 ? 2   THR A HG23 1 
ATOM   27  N N    . CYS A 1 3  ? -0.456  5.630   6.022  1.00 6.28  ? 3   CYS A N    1 
ATOM   28  C CA   . CYS A 1 3  ? -0.276  4.571   5.051  1.00 7.07  ? 3   CYS A CA   1 
ATOM   29  C C    . CYS A 1 3  ? 0.038   3.218   5.659  1.00 6.37  ? 3   CYS A C    1 
ATOM   30  O O    . CYS A 1 3  ? 0.535   3.113   6.783  1.00 7.97  ? 3   CYS A O    1 
ATOM   31  C CB   . CYS A 1 3  ? 0.830   4.959   4.072  1.00 8.93  ? 3   CYS A CB   1 
ATOM   32  S SG   . CYS A 1 3  ? 0.597   6.576   3.301  1.00 10.24 ? 3   CYS A SG   1 
ATOM   33  H H    . CYS A 1 3  ? 0.167   5.670   6.614  1.00 7.53  ? 3   CYS A H    1 
ATOM   34  H HA   . CYS A 1 3  ? -1.098  4.478   4.543  1.00 8.48  ? 3   CYS A HA   1 
ATOM   35  H HB2  . CYS A 1 3  ? 1.674   4.978   4.547  1.00 10.71 ? 3   CYS A HB2  1 
ATOM   36  H HB3  . CYS A 1 3  ? 0.866   4.297   3.364  1.00 10.71 ? 3   CYS A HB3  1 
ATOM   37  N N    . TYR A 1 4  ? -0.253  2.187   4.860  1.00 7.13  ? 4   TYR A N    1 
ATOM   38  C CA   . TYR A 1 4  ? 0.015   0.782   5.180  1.00 6.73  ? 4   TYR A CA   1 
ATOM   39  C C    . TYR A 1 4  ? 0.685   0.107   4.005  1.00 6.48  ? 4   TYR A C    1 
ATOM   40  O O    . TYR A 1 4  ? 0.297   0.335   2.855  1.00 7.95  ? 4   TYR A O    1 
ATOM   41  C CB   . TYR A 1 4  ? -1.291  0.030   5.480  1.00 8.11  ? 4   TYR A CB   1 
ATOM   42  C CG   . TYR A 1 4  ? -1.969  0.487   6.738  1.00 8.09  ? 4   TYR A CG   1 
ATOM   43  C CD1  . TYR A 1 4  ? -2.789  1.602   6.740  1.00 9.73  ? 4   TYR A CD1  1 
ATOM   44  C CD2  . TYR A 1 4  ? -1.767  -0.171  7.932  1.00 9.19  ? 4   TYR A CD2  1 
ATOM   45  C CE1  . TYR A 1 4  ? -3.408  2.035   7.922  1.00 10.59 ? 4   TYR A CE1  1 
ATOM   46  C CE2  . TYR A 1 4  ? -2.378  0.272   9.110  1.00 9.63  ? 4   TYR A CE2  1 
ATOM   47  C CZ   . TYR A 1 4  ? -3.168  1.372   9.082  1.00 9.04  ? 4   TYR A CZ   1 
ATOM   48  O OH   . TYR A 1 4  ? -3.784  1.829   10.219 1.00 12.09 ? 4   TYR A OH   1 
ATOM   49  H H    . TYR A 1 4  ? -0.626  2.285   4.092  1.00 8.55  ? 4   TYR A H    1 
ATOM   50  H HA   . TYR A 1 4  ? 0.598   0.723   5.953  1.00 8.08  ? 4   TYR A HA   1 
ATOM   51  H HB2  . TYR A 1 4  ? -1.906  0.165   4.744  1.00 9.74  ? 4   TYR A HB2  1 
ATOM   52  H HB3  . TYR A 1 4  ? -1.092  -0.916  5.575  1.00 9.74  ? 4   TYR A HB3  1 
ATOM   53  H HD1  . TYR A 1 4  ? -2.937  2.064   5.947  1.00 11.67 ? 4   TYR A HD1  1 
ATOM   54  H HD2  . TYR A 1 4  ? -1.211  -0.916  7.956  1.00 11.03 ? 4   TYR A HD2  1 
ATOM   55  H HE1  . TYR A 1 4  ? -3.954  2.790   7.918  1.00 12.71 ? 4   TYR A HE1  1 
ATOM   56  H HE2  . TYR A 1 4  ? -2.230  -0.178  9.910  1.00 11.56 ? 4   TYR A HE2  1 
ATOM   57  H HH   . TYR A 1 4  ? -3.569  1.350   10.874 1.00 14.51 ? 4   TYR A HH   1 
ATOM   58  N N    . CYS A 1 5  ? 1.658   -0.736  4.294  1.00 7.33  ? 5   CYS A N    1 
ATOM   59  C CA   . CYS A 1 5  ? 2.184   -1.674  3.315  1.00 7.83  ? 5   CYS A CA   1 
ATOM   60  C C    . CYS A 1 5  ? 1.342   -2.932  3.421  1.00 8.07  ? 5   CYS A C    1 
ATOM   61  O O    . CYS A 1 5  ? 1.381   -3.608  4.458  1.00 11.66 ? 5   CYS A O    1 
ATOM   62  C CB   . CYS A 1 5  ? 3.643   -1.983  3.621  1.00 10.36 ? 5   CYS A CB   1 
ATOM   63  S SG   . CYS A 1 5  ? 4.771   -0.576  3.406  1.00 11.45 ? 5   CYS A SG   1 
ATOM   64  H H    . CYS A 1 5  ? 2.039   -0.789  5.065  1.00 8.80  ? 5   CYS A H    1 
ATOM   65  H HA   . CYS A 1 5  ? 2.111   -1.308  2.420  1.00 9.39  ? 5   CYS A HA   1 
ATOM   66  H HB2  . CYS A 1 5  ? 3.712   -2.277  4.544  1.00 12.44 ? 5   CYS A HB2  1 
ATOM   67  H HB3  . CYS A 1 5  ? 3.941   -2.692  3.029  1.00 12.44 ? 5   CYS A HB3  1 
ATOM   68  N N    . ARG A 1 6  ? 0.552   -3.240  2.406  1.00 7.86  ? 6   ARG A N    1 
ATOM   69  C CA   . ARG A 1 6  ? -0.416  -4.308  2.531  1.00 8.79  ? 6   ARG A CA   1 
ATOM   70  C C    . ARG A 1 6  ? 0.035   -5.591  1.862  1.00 9.15  ? 6   ARG A C    1 
ATOM   71  O O    . ARG A 1 6  ? 0.762   -5.571  0.869  1.00 10.82 ? 6   ARG A O    1 
ATOM   72  C CB   . ARG A 1 6  ? -1.753  -3.860  1.963  1.00 9.64  ? 6   ARG A CB   1 
ATOM   73  C CG   . ARG A 1 6  ? -2.337  -2.675  2.709  1.00 13.05 ? 6   ARG A CG   1 
ATOM   74  C CD   . ARG A 1 6  ? -3.764  -2.865  3.069  1.00 15.18 ? 6   ARG A CD   1 
ATOM   75  N NE   . ARG A 1 6  ? -4.311  -1.815  3.928  1.00 12.38 ? 6   ARG A NE   1 
ATOM   76  C CZ   . ARG A 1 6  ? -4.518  -1.913  5.242  1.00 10.14 ? 6   ARG A CZ   1 
ATOM   77  N NH1  . ARG A 1 6  ? -4.157  -2.980  5.926  1.00 13.74 ? 6   ARG A NH1  1 
ATOM   78  N NH2  . ARG A 1 6  ? -5.102  -0.903  5.870  1.00 10.99 ? 6   ARG A NH2  1 
ATOM   79  H H    . ARG A 1 6  ? 0.557   -2.848  1.640  1.00 9.43  ? 6   ARG A H    1 
ATOM   80  H HA   . ARG A 1 6  ? -0.546  -4.499  3.473  1.00 10.55 ? 6   ARG A HA   1 
ATOM   81  H HB2  . ARG A 1 6  ? -1.631  -3.602  1.036  1.00 11.57 ? 6   ARG A HB2  1 
ATOM   82  H HB3  . ARG A 1 6  ? -2.385  -4.594  2.023  1.00 11.57 ? 6   ARG A HB3  1 
ATOM   83  H HG2  . ARG A 1 6  ? -1.836  -2.541  3.528  1.00 15.66 ? 6   ARG A HG2  1 
ATOM   84  H HG3  . ARG A 1 6  ? -2.272  -1.887  2.147  1.00 15.66 ? 6   ARG A HG3  1 
ATOM   85  H HD2  . ARG A 1 6  ? -4.291  -2.884  2.255  1.00 18.22 ? 6   ARG A HD2  1 
ATOM   86  H HD3  . ARG A 1 6  ? -3.856  -3.709  3.539  1.00 18.22 ? 6   ARG A HD3  1 
ATOM   87  H HE   . ARG A 1 6  ? -4.518  -1.070  3.553  1.00 14.86 ? 6   ARG A HE   1 
ATOM   88  H HH11 . ARG A 1 6  ? -3.797  -3.649  5.522  1.00 16.49 ? 6   ARG A HH11 1 
ATOM   89  H HH12 . ARG A 1 6  ? -4.291  -3.012  6.775  1.00 16.49 ? 6   ARG A HH12 1 
ATOM   90  H HH21 . ARG A 1 6  ? -5.323  -0.196  5.433  1.00 13.19 ? 6   ARG A HH21 1 
ATOM   91  H HH22 . ARG A 1 6  ? -5.210  -0.932  6.723  1.00 13.19 ? 6   ARG A HH22 1 
ATOM   92  N N    . THR A 1 7  ? -0.424  -6.713  2.408  1.00 9.77  ? 7   THR A N    1 
ATOM   93  C CA   . THR A 1 7  ? -0.154  -8.026  1.844  1.00 11.57 ? 7   THR A CA   1 
ATOM   94  C C    . THR A 1 7  ? -1.042  -8.304  0.649  1.00 10.59 ? 7   THR A C    1 
ATOM   95  O O    . THR A 1 7  ? -0.658  -9.087  -0.224 1.00 12.29 ? 7   THR A O    1 
ATOM   96  C CB   . THR A 1 7  ? -0.389  -9.154  2.867  1.00 14.34 ? 7   THR A CB   1 
ATOM   97  O OG1  . THR A 1 7  ? -1.760  -9.164  3.279  1.00 24.02 ? 7   THR A OG1  1 
ATOM   98  C CG2  . THR A 1 7  ? 0.520   -8.966  4.070  1.00 17.68 ? 7   THR A CG2  1 
ATOM   99  H H    . THR A 1 7  ? -0.903  -6.737  3.121  1.00 11.72 ? 7   THR A H    1 
ATOM   100 H HA   . THR A 1 7  ? 0.770   -8.067  1.552  1.00 13.89 ? 7   THR A HA   1 
ATOM   101 H HB   . THR A 1 7  ? -0.174  -10.007 2.456  1.00 17.21 ? 7   THR A HB   1 
ATOM   102 H HG1  . THR A 1 7  ? -1.959  -8.429  3.633  1.00 28.82 ? 7   THR A HG1  1 
ATOM   103 H HG21 . THR A 1 7  ? 0.372   -9.676  4.713  1.00 21.22 ? 7   THR A HG21 1 
ATOM   104 H HG22 . THR A 1 7  ? 1.449   -8.983  3.790  1.00 21.22 ? 7   THR A HG22 1 
ATOM   105 H HG23 . THR A 1 7  ? 0.335   -8.112  4.495  1.00 21.22 ? 7   THR A HG23 1 
ATOM   106 N N    . GLY A 1 8  ? -2.215  -7.681  0.620  1.00 10.38 ? 8   GLY A N    1 
ATOM   107 C CA   . GLY A 1 8  ? -3.175  -7.857  -0.447 1.00 12.19 ? 8   GLY A CA   1 
ATOM   108 C C    . GLY A 1 8  ? -3.539  -6.525  -1.063 1.00 9.59  ? 8   GLY A C    1 
ATOM   109 O O    . GLY A 1 8  ? -2.688  -5.664  -1.293 1.00 11.92 ? 8   GLY A O    1 
ATOM   110 H H    . GLY A 1 8  ? -2.480  -7.136  1.231  1.00 12.46 ? 8   GLY A H    1 
ATOM   111 H HA2  . GLY A 1 8  ? -2.799  -8.428  -1.136 1.00 14.63 ? 8   GLY A HA2  1 
ATOM   112 H HA3  . GLY A 1 8  ? -3.980  -8.273  -0.101 1.00 14.63 ? 8   GLY A HA3  1 
ATOM   113 N N    . ARG A 1 9  ? -4.814  -6.353  -1.358 1.00 10.26 ? 9   ARG A N    1 
ATOM   114 C CA   . ARG A 1 9  ? -5.283  -5.132  -1.994 1.00 9.18  ? 9   ARG A CA   1 
ATOM   115 C C    . ARG A 1 9  ? -5.473  -4.021  -0.974 1.00 8.62  ? 9   ARG A C    1 
ATOM   116 O O    . ARG A 1 9  ? -5.524  -4.270  0.241  1.00 10.59 ? 9   ARG A O    1 
ATOM   117 C CB   . ARG A 1 9  ? -6.560  -5.439  -2.776 1.00 11.43 ? 9   ARG A CB   1 
ATOM   118 C CG   . ARG A 1 9  ? -6.214  -6.393  -3.953 1.00 17.08 ? 9   ARG A CG   1 
ATOM   119 C CD   . ARG A 1 9  ? -7.287  -6.573  -4.995 1.00 15.70 ? 9   ARG A CD   1 
ATOM   120 N NE   . ARG A 1 9  ? -7.584  -5.304  -5.642 1.00 14.83 ? 9   ARG A NE   1 
ATOM   121 C CZ   . ARG A 1 9  ? -8.710  -5.051  -6.291 1.00 15.10 ? 9   ARG A CZ   1 
ATOM   122 N NH1  . ARG A 1 9  ? -9.625  -6.005  -6.424 1.00 17.80 ? 9   ARG A NH1  1 
ATOM   123 N NH2  . ARG A 1 9  ? -8.912  -3.850  -6.821 1.00 17.02 ? 9   ARG A NH2  1 
ATOM   124 H H    . ARG A 1 9  ? -5.433  -6.930  -1.200 1.00 12.31 ? 9   ARG A H    1 
ATOM   125 H HA   . ARG A 1 9  ? -4.612  -4.836  -2.630 1.00 11.02 ? 9   ARG A HA   1 
ATOM   126 H HB2  . ARG A 1 9  ? -7.203  -5.878  -2.197 1.00 13.71 ? 9   ARG A HB2  1 
ATOM   127 H HB3  . ARG A 1 9  ? -6.929  -4.618  -3.138 1.00 13.71 ? 9   ARG A HB3  1 
ATOM   128 H HG2  . ARG A 1 9  ? -5.428  -6.048  -4.405 1.00 20.49 ? 9   ARG A HG2  1 
ATOM   129 H HG3  . ARG A 1 9  ? -6.016  -7.269  -3.588 1.00 20.49 ? 9   ARG A HG3  1 
ATOM   130 H HD2  . ARG A 1 9  ? -6.981  -7.199  -5.671 1.00 18.84 ? 9   ARG A HD2  1 
ATOM   131 H HD3  . ARG A 1 9  ? -8.097  -6.901  -4.574 1.00 18.84 ? 9   ARG A HD3  1 
ATOM   132 H HE   . ARG A 1 9  ? -7.026  -4.658  -5.538 1.00 17.80 ? 9   ARG A HE   1 
ATOM   133 H HH11 . ARG A 1 9  ? -9.494  -6.778  -6.072 1.00 21.36 ? 9   ARG A HH11 1 
ATOM   134 H HH12 . ARG A 1 9  ? -10.354 -5.844  -6.852 1.00 21.36 ? 9   ARG A HH12 1 
ATOM   135 H HH21 . ARG A 1 9  ? -8.312  -3.239  -6.744 1.00 20.43 ? 9   ARG A HH21 1 
ATOM   136 H HH22 . ARG A 1 9  ? -9.635  -3.691  -7.261 1.00 20.43 ? 9   ARG A HH22 1 
ATOM   137 N N    . CYS A 1 10 ? -5.557  -2.781  -1.434 1.00 9.72  ? 10  CYS A N    1 
ATOM   138 C CA   . CYS A 1 10 ? -5.860  -1.678  -0.534 1.00 9.06  ? 10  CYS A CA   1 
ATOM   139 C C    . CYS A 1 10 ? -7.293  -1.810  -0.019 1.00 9.44  ? 10  CYS A C    1 
ATOM   140 O O    . CYS A 1 10 ? -8.163  -2.363  -0.703 1.00 11.78 ? 10  CYS A O    1 
ATOM   141 C CB   . CYS A 1 10 ? -5.697  -0.326  -1.241 1.00 10.34 ? 10  CYS A CB   1 
ATOM   142 S SG   . CYS A 1 10 ? -4.033  0.090   -1.784 1.00 9.81  ? 10  CYS A SG   1 
ATOM   143 H H    . CYS A 1 10 ? -5.444  -2.553  -2.255 1.00 11.67 ? 10  CYS A H    1 
ATOM   144 H HA   . CYS A 1 10 ? -5.256  -1.703  0.225  1.00 10.87 ? 10  CYS A HA   1 
ATOM   145 H HB2  . CYS A 1 10 ? -6.266  -0.322  -2.027 1.00 12.41 ? 10  CYS A HB2  1 
ATOM   146 H HB3  . CYS A 1 10 ? -5.986  0.373   -0.633 1.00 12.41 ? 10  CYS A HB3  1 
ATOM   147 N N    . ALA A 1 11 ? -7.570  -1.278  1.170  1.00 13.16 ? 11  ALA A N    1 
ATOM   148 C CA   . ALA A 1 11 ? -8.967  -1.144  1.636  1.00 13.14 ? 11  ALA A CA   1 
ATOM   149 C C    . ALA A 1 11 ? -9.748  -0.178  0.738  1.00 16.74 ? 11  ALA A C    1 
ATOM   150 O O    . ALA A 1 11 ? -9.162  0.660   0.052  1.00 15.67 ? 11  ALA A O    1 
ATOM   151 C CB   . ALA A 1 11 ? -8.998  -0.674  3.084  1.00 17.79 ? 11  ALA A CB   1 
ATOM   152 H H    . ALA A 1 11 ? -6.982  -0.986  1.725  1.00 15.80 ? 11  ALA A H    1 
ATOM   153 H HA   . ALA A 1 11 ? -9.400  -2.012  1.593  1.00 15.77 ? 11  ALA A HA   1 
ATOM   154 H HB1  . ALA A 1 11 ? -9.921  -0.594  3.370  1.00 21.35 ? 11  ALA A HB1  1 
ATOM   155 H HB2  . ALA A 1 11 ? -8.535  -1.324  3.637  1.00 21.35 ? 11  ALA A HB2  1 
ATOM   156 H HB3  . ALA A 1 11 ? -8.556  0.187   3.146  1.00 21.35 ? 11  ALA A HB3  1 
ATOM   157 N N    . THR A 1 12 ? -11.078 -0.294  0.718  1.00 17.56 ? 12  THR A N    1 
ATOM   158 C CA   . THR A 1 12 ? -11.876 0.538   -0.182 1.00 19.63 ? 12  THR A CA   1 
ATOM   159 C C    . THR A 1 12 ? -11.721 2.037   0.128  1.00 16.80 ? 12  THR A C    1 
ATOM   160 O O    . THR A 1 12 ? -11.800 2.872   -0.780 1.00 24.24 ? 12  THR A O    1 
ATOM   161 C CB   . THR A 1 12 ? -13.374 0.132   -0.177 1.00 24.62 ? 12  THR A CB   1 
ATOM   162 O OG1  . THR A 1 12 ? -13.954 0.407   1.102  1.00 34.29 ? 12  THR A OG1  1 
ATOM   163 C CG2  . THR A 1 12 ? -13.531 -1.353  -0.497 1.00 28.28 ? 12  THR A CG2  1 
ATOM   164 H H    . THR A 1 12 ? -11.532 -0.837  1.208  1.00 21.07 ? 12  THR A H    1 
ATOM   165 H HA   . THR A 1 12 ? -11.550 0.400   -1.085 1.00 23.56 ? 12  THR A HA   1 
ATOM   166 H HB   . THR A 1 12 ? -13.844 0.639   -0.857 1.00 29.55 ? 12  THR A HB   1 
ATOM   167 H HG1  . THR A 1 12 ? -13.552 -0.026  1.699  1.00 41.15 ? 12  THR A HG1  1 
ATOM   168 H HG21 . THR A 1 12 ? -14.470 -1.595  -0.491 1.00 33.94 ? 12  THR A HG21 1 
ATOM   169 H HG22 . THR A 1 12 ? -13.161 -1.543  -1.374 1.00 33.94 ? 12  THR A HG22 1 
ATOM   170 H HG23 . THR A 1 12 ? -13.062 -1.885  0.165  1.00 33.94 ? 12  THR A HG23 1 
ATOM   171 N N    A ARG A 1 13 ? -11.486 2.411   1.376  0.62 16.73 ? 13  ARG A N    1 
ATOM   172 N N    B ARG A 1 13 ? -11.484 2.311   1.417  0.38 16.90 ? 13  ARG A N    1 
ATOM   173 C CA   A ARG A 1 13 ? -11.333 3.833   1.684  0.62 18.42 ? 13  ARG A CA   1 
ATOM   174 C CA   B ARG A 1 13 ? -11.239 3.644   1.980  0.38 21.60 ? 13  ARG A CA   1 
ATOM   175 C C    A ARG A 1 13 ? -9.901  4.350   1.444  0.62 15.89 ? 13  ARG A C    1 
ATOM   176 C C    B ARG A 1 13 ? -9.797  4.069   1.866  0.38 19.20 ? 13  ARG A C    1 
ATOM   177 O O    A ARG A 1 13 ? -9.704  5.553   1.315  0.62 17.79 ? 13  ARG A O    1 
ATOM   178 O O    B ARG A 1 13 ? -9.299  4.812   2.717  0.38 23.16 ? 13  ARG A O    1 
ATOM   179 C CB   A ARG A 1 13 ? -11.811 4.146   3.104  0.62 14.59 ? 13  ARG A CB   1 
ATOM   180 C CB   B ARG A 1 13 ? -11.502 3.635   3.479  0.38 14.11 ? 13  ARG A CB   1 
ATOM   181 C CG   A ARG A 1 13 ? -11.065 3.437   4.213  0.62 14.28 ? 13  ARG A CG   1 
ATOM   182 C CG   B ARG A 1 13 ? -12.895 3.286   3.874  0.38 23.53 ? 13  ARG A CG   1 
ATOM   183 C CD   A ARG A 1 13 ? -11.504 4.014   5.552  0.62 18.81 ? 13  ARG A CD   1 
ATOM   184 C CD   B ARG A 1 13 ? -12.918 2.748   5.283  0.38 16.03 ? 13  ARG A CD   1 
ATOM   185 N NE   A ARG A 1 13 ? -11.020 3.300   6.740  0.62 22.51 ? 13  ARG A NE   1 
ATOM   186 N NE   B ARG A 1 13 ? -13.295 3.764   6.259  0.38 25.53 ? 13  ARG A NE   1 
ATOM   187 C CZ   A ARG A 1 13 ? -11.034 3.809   7.976  0.62 18.22 ? 13  ARG A CZ   1 
ATOM   188 C CZ   B ARG A 1 13 ? -13.679 3.491   7.499  0.38 23.32 ? 13  ARG A CZ   1 
ATOM   189 N NH1  A ARG A 1 13 ? -11.470 5.042   8.188  0.62 14.37 ? 13  ARG A NH1  1 
ATOM   190 N NH1  B ARG A 1 13 ? -13.742 2.233   7.915  0.38 19.51 ? 13  ARG A NH1  1 
ATOM   191 N NH2  A ARG A 1 13 ? -10.588 3.094   9.008  0.62 17.40 ? 13  ARG A NH2  1 
ATOM   192 N NH2  B ARG A 1 13 ? -14.007 4.474   8.321  0.38 28.70 ? 13  ARG A NH2  1 
ATOM   193 H H    A ARG A 1 13 ? -11.411 1.881   2.050  0.62 20.08 ? 13  ARG A H    1 
ATOM   194 H H    B ARG A 1 13 ? -11.459 1.698   2.019  0.38 20.28 ? 13  ARG A H    1 
ATOM   195 H HA   A ARG A 1 13 ? -11.910 4.328   1.082  0.62 22.11 ? 13  ARG A HA   1 
ATOM   196 H HA   B ARG A 1 13 ? -11.808 4.305   1.553  0.38 25.92 ? 13  ARG A HA   1 
ATOM   197 H HB2  A ARG A 1 13 ? -11.720 5.100   3.254  0.62 17.51 ? 13  ARG A HB2  1 
ATOM   198 H HB2  B ARG A 1 13 ? -10.911 2.987   3.892  0.38 16.93 ? 13  ARG A HB2  1 
ATOM   199 H HB3  A ARG A 1 13 ? -12.745 3.894   3.174  0.62 17.51 ? 13  ARG A HB3  1 
ATOM   200 H HB3  B ARG A 1 13 ? -11.312 4.518   3.830  0.38 16.93 ? 13  ARG A HB3  1 
ATOM   201 H HG2  A ARG A 1 13 ? -11.276 2.490   4.198  0.62 17.14 ? 13  ARG A HG2  1 
ATOM   202 H HG2  B ARG A 1 13 ? -13.451 4.081   3.839  0.38 28.23 ? 13  ARG A HG2  1 
ATOM   203 H HG3  A ARG A 1 13 ? -10.111 3.580   4.111  0.62 17.14 ? 13  ARG A HG3  1 
ATOM   204 H HG3  B ARG A 1 13 ? -13.241 2.604   3.278  0.38 28.23 ? 13  ARG A HG3  1 
ATOM   205 H HD2  A ARG A 1 13 ? -11.184 4.928   5.612  0.62 22.57 ? 13  ARG A HD2  1 
ATOM   206 H HD2  B ARG A 1 13 ? -13.562 2.024   5.337  0.38 19.24 ? 13  ARG A HD2  1 
ATOM   207 H HD3  A ARG A 1 13 ? -12.474 4.009   5.585  0.62 22.57 ? 13  ARG A HD3  1 
ATOM   208 H HD3  B ARG A 1 13 ? -12.033 2.423   5.513  0.38 19.24 ? 13  ARG A HD3  1 
ATOM   209 H HE   A ARG A 1 13 ? -10.665 2.525   6.627  0.62 27.02 ? 13  ARG A HE   1 
ATOM   210 H HE   B ARG A 1 13 ? -13.177 4.589   6.046  0.38 30.63 ? 13  ARG A HE   1 
ATOM   211 H HH11 A ARG A 1 13 ? -11.763 5.514   7.531  0.62 17.24 ? 13  ARG A HH11 1 
ATOM   212 H HH11 B ARG A 1 13 ? -13.530 1.593   7.382  0.38 23.41 ? 13  ARG A HH11 1 
ATOM   213 H HH12 A ARG A 1 13 ? -11.472 5.368   8.985  0.62 17.24 ? 13  ARG A HH12 1 
ATOM   214 H HH12 B ARG A 1 13 ? -13.991 2.059   8.720  0.38 23.41 ? 13  ARG A HH12 1 
ATOM   215 H HH21 A ARG A 1 13 ? -10.295 2.295   8.883  0.62 20.88 ? 13  ARG A HH21 1 
ATOM   216 H HH21 B ARG A 1 13 ? -13.967 5.290   8.052  0.38 34.44 ? 13  ARG A HH21 1 
ATOM   217 H HH22 A ARG A 1 13 ? -10.591 3.433   9.798  0.62 20.88 ? 13  ARG A HH22 1 
ATOM   218 H HH22 B ARG A 1 13 ? -14.257 4.298   9.126  0.38 34.44 ? 13  ARG A HH22 1 
ATOM   219 N N    A GLU A 1 14 ? -8.921  3.442   1.399  0.62 12.91 ? 14  GLU A N    1 
ATOM   220 N N    B GLU A 1 14 ? -9.110  3.580   0.852  0.38 8.35  ? 14  GLU A N    1 
ATOM   221 C CA   A GLU A 1 14 ? -7.538  3.761   0.986  0.62 12.04 ? 14  GLU A CA   1 
ATOM   222 C CA   B GLU A 1 14 ? -7.734  3.921   0.706  0.38 9.53  ? 14  GLU A CA   1 
ATOM   223 C C    A GLU A 1 14 ? -7.356  3.886   -0.532 0.62 13.68 ? 14  GLU A C    1 
ATOM   224 C C    B GLU A 1 14 ? -7.482  4.108   -0.714 0.38 13.40 ? 14  GLU A C    1 
ATOM   225 O O    A GLU A 1 14 ? -8.129  3.296   -1.301 0.62 15.14 ? 14  GLU A O    1 
ATOM   226 O O    B GLU A 1 14 ? -8.303  3.810   -1.588 0.38 11.77 ? 14  GLU A O    1 
ATOM   227 C CB   A GLU A 1 14 ? -6.597  2.638   1.423  0.62 15.05 ? 14  GLU A CB   1 
ATOM   228 C CB   B GLU A 1 14 ? -6.857  2.805   1.230  0.38 12.67 ? 14  GLU A CB   1 
ATOM   229 C CG   A GLU A 1 14 ? -6.718  2.252   2.855  0.62 17.33 ? 14  GLU A CG   1 
ATOM   230 C CG   B GLU A 1 14 ? -6.497  2.980   2.663  0.38 6.10  ? 14  GLU A CG   1 
ATOM   231 C CD   A GLU A 1 14 ? -5.727  1.179   3.292  0.62 11.91 ? 14  GLU A CD   1 
ATOM   232 C CD   B GLU A 1 14 ? -5.666  1.797   3.158  0.38 16.90 ? 14  GLU A CD   1 
ATOM   233 O OE1  A GLU A 1 14 ? -5.495  0.130   2.623  0.62 10.94 ? 14  GLU A OE1  1 
ATOM   234 O OE1  B GLU A 1 14 ? -5.873  0.679   2.661  0.38 9.01  ? 14  GLU A OE1  1 
ATOM   235 O OE2  A GLU A 1 14 ? -5.182  1.420   4.367  0.62 11.24 ? 14  GLU A OE2  1 
ATOM   236 O OE2  B GLU A 1 14 ? -4.782  1.957   4.017  0.38 20.78 ? 14  GLU A OE2  1 
ATOM   237 H H    A GLU A 1 14 ? -9.030  2.616   1.608  0.62 15.50 ? 14  GLU A H    1 
ATOM   238 H H    B GLU A 1 14 ? -9.422  3.055   0.245  0.38 10.02 ? 14  GLU A H    1 
ATOM   239 H HA   A GLU A 1 14 ? -7.253  4.589   1.403  0.62 14.45 ? 14  GLU A HA   1 
ATOM   240 H HA   B GLU A 1 14 ? -7.534  4.742   1.182  0.38 11.44 ? 14  GLU A HA   1 
ATOM   241 H HB2  A GLU A 1 14 ? -6.785  1.850   0.890  0.62 18.05 ? 14  GLU A HB2  1 
ATOM   242 H HB2  B GLU A 1 14 ? -7.330  1.963   1.140  0.38 15.20 ? 14  GLU A HB2  1 
ATOM   243 H HB3  A GLU A 1 14 ? -5.682  2.924   1.272  0.62 18.05 ? 14  GLU A HB3  1 
ATOM   244 H HB3  B GLU A 1 14 ? -6.036  2.780   0.715  0.38 15.20 ? 14  GLU A HB3  1 
ATOM   245 H HG2  A GLU A 1 14 ? -6.566  3.037   3.403  0.62 20.80 ? 14  GLU A HG2  1 
ATOM   246 H HG2  B GLU A 1 14 ? -5.972  3.789   2.768  0.38 7.32  ? 14  GLU A HG2  1 
ATOM   247 H HG3  A GLU A 1 14 ? -7.613  1.911   3.011  0.62 20.80 ? 14  GLU A HG3  1 
ATOM   248 H HG3  B GLU A 1 14 ? -7.306  3.031   3.196  0.38 7.32  ? 14  GLU A HG3  1 
ATOM   249 N N    . SER A 1 15 ? -6.300  4.597   -0.949 1.00 13.06 ? 15  SER A N    1 
ATOM   250 C CA   . SER A 1 15 ? -5.882  4.726   -2.311 1.00 13.19 ? 15  SER A CA   1 
ATOM   251 C C    . SER A 1 15 ? -4.484  4.201   -2.402 1.00 8.59  ? 15  SER A C    1 
ATOM   252 O O    . SER A 1 15 ? -3.636  4.517   -1.547 1.00 9.34  ? 15  SER A O    1 
ATOM   253 C CB   . SER A 1 15 ? -5.904  6.196   -2.721 1.00 17.64 ? 15  SER A CB   1 
ATOM   254 O OG   . SER A 1 15 ? -7.227  6.694   -2.741 1.00 30.19 ? 15  SER A OG   1 
ATOM   255 H H    A SER A 1 15 ? -5.793  5.032   -0.408 0.62 15.67 ? 15  SER A H    1 
ATOM   256 H H    B SER A 1 15 ? -5.732  4.856   -0.356 0.38 15.67 ? 15  SER A H    1 
ATOM   257 H HA   . SER A 1 15 ? -6.462  4.215   -2.897 1.00 15.83 ? 15  SER A HA   1 
ATOM   258 H HB2  . SER A 1 15 ? -5.384  6.709   -2.082 1.00 21.17 ? 15  SER A HB2  1 
ATOM   259 H HB3  . SER A 1 15 ? -5.520  6.283   -3.608 1.00 21.17 ? 15  SER A HB3  1 
ATOM   260 H HG   . SER A 1 15 ? -7.573  6.625   -1.978 1.00 36.23 ? 15  SER A HG   1 
ATOM   261 N N    A LEU A 1 16 ? -4.212  3.502   -3.489 0.59 8.40  ? 16  LEU A N    1 
ATOM   262 N N    B LEU A 1 16 ? -4.208  3.380   -3.402 0.41 8.13  ? 16  LEU A N    1 
ATOM   263 C CA   A LEU A 1 16 ? -2.869  3.077   -3.799 0.59 6.94  ? 16  LEU A CA   1 
ATOM   264 C CA   B LEU A 1 16 ? -2.822  3.073   -3.706 0.41 6.95  ? 16  LEU A CA   1 
ATOM   265 C C    A LEU A 1 16 ? -2.012  4.296   -4.089 0.59 7.98  ? 16  LEU A C    1 
ATOM   266 C C    B LEU A 1 16 ? -2.100  4.380   -3.967 0.41 7.81  ? 16  LEU A C    1 
ATOM   267 O O    A LEU A 1 16 ? -2.323  5.086   -4.989 0.59 9.01  ? 16  LEU A O    1 
ATOM   268 O O    B LEU A 1 16 ? -2.646  5.271   -4.629 0.41 7.85  ? 16  LEU A O    1 
ATOM   269 C CB   A LEU A 1 16 ? -2.916  2.154   -5.004 0.59 8.26  ? 16  LEU A CB   1 
ATOM   270 C CB   B LEU A 1 16 ? -2.716  2.167   -4.926 0.41 8.09  ? 16  LEU A CB   1 
ATOM   271 C CG   A LEU A 1 16 ? -1.591  1.536   -5.413 0.59 8.48  ? 16  LEU A CG   1 
ATOM   272 C CG   B LEU A 1 16 ? -1.299  1.703   -5.270 0.41 7.70  ? 16  LEU A CG   1 
ATOM   273 C CD1  A LEU A 1 16 ? -1.023  0.612   -4.339 0.59 7.79  ? 16  LEU A CD1  1 
ATOM   274 C CD1  B LEU A 1 16 ? -1.365  0.314   -5.878 0.41 11.68 ? 16  LEU A CD1  1 
ATOM   275 C CD2  A LEU A 1 16 ? -1.781  0.769   -6.705 0.59 12.81 ? 16  LEU A CD2  1 
ATOM   276 C CD2  B LEU A 1 16 ? -0.597  2.646   -6.229 0.41 8.73  ? 16  LEU A CD2  1 
ATOM   277 H H    A LEU A 1 16 ? -4.799  3.259   -4.069 0.59 10.08 ? 16  LEU A H    1 
ATOM   278 H H    B LEU A 1 16 ? -4.787  2.996   -3.909 0.41 9.76  ? 16  LEU A H    1 
ATOM   279 H HA   A LEU A 1 16 ? -2.490  2.596   -3.047 0.59 8.32  ? 16  LEU A HA   1 
ATOM   280 H HA   B LEU A 1 16 ? -2.407  2.631   -2.949 0.41 8.33  ? 16  LEU A HA   1 
ATOM   281 H HB2  A LEU A 1 16 ? -3.528  1.427   -4.808 0.59 9.91  ? 16  LEU A HB2  1 
ATOM   282 H HB2  B LEU A 1 16 ? -3.254  1.375   -4.769 0.41 9.71  ? 16  LEU A HB2  1 
ATOM   283 H HB3  A LEU A 1 16 ? -3.247  2.659   -5.764 0.59 9.91  ? 16  LEU A HB3  1 
ATOM   284 H HB3  B LEU A 1 16 ? -3.062  2.646   -5.696 0.41 9.71  ? 16  LEU A HB3  1 
ATOM   285 H HG   A LEU A 1 16 ? -0.946  2.243   -5.574 0.59 10.18 ? 16  LEU A HG   1 
ATOM   286 H HG   B LEU A 1 16 ? -0.773  1.652   -4.456 0.41 9.24  ? 16  LEU A HG   1 
ATOM   287 H HD11 A LEU A 1 16 ? -0.181  0.247   -4.650 0.59 9.35  ? 16  LEU A HD11 1 
ATOM   288 H HD11 B LEU A 1 16 ? -0.466  0.022   -6.095 0.41 14.01 ? 16  LEU A HD11 1 
ATOM   289 H HD12 A LEU A 1 16 ? -0.883  1.123   -3.527 0.59 9.35  ? 16  LEU A HD12 1 
ATOM   290 H HD12 B LEU A 1 16 ? -1.765  -0.292  -5.236 0.41 14.01 ? 16  LEU A HD12 1 
ATOM   291 H HD13 A LEU A 1 16 ? -1.655  -0.105  -4.174 0.59 9.35  ? 16  LEU A HD13 1 
ATOM   292 H HD13 B LEU A 1 16 ? -1.906  0.348   -6.683 0.41 14.01 ? 16  LEU A HD13 1 
ATOM   293 H HD21 A LEU A 1 16 ? -0.934  0.375   -6.966 0.59 15.37 ? 16  LEU A HD21 1 
ATOM   294 H HD21 B LEU A 1 16 ? 0.293   2.306   -6.412 0.41 10.48 ? 16  LEU A HD21 1 
ATOM   295 H HD22 A LEU A 1 16 ? -2.441  0.073   -6.564 0.59 15.37 ? 16  LEU A HD22 1 
ATOM   296 H HD22 B LEU A 1 16 ? -1.108  2.696   -7.052 0.41 10.48 ? 16  LEU A HD22 1 
ATOM   297 H HD23 A LEU A 1 16 ? -2.086  1.383   -7.393 0.59 15.37 ? 16  LEU A HD23 1 
ATOM   298 H HD23 B LEU A 1 16 ? -0.538  3.525   -5.822 0.41 10.48 ? 16  LEU A HD23 1 
ATOM   299 N N    A SER A 1 17 ? -0.937  4.455   -3.318 0.59 7.39  ? 17  SER A N    1 
ATOM   300 N N    B SER A 1 17 ? -0.882  4.495   -3.439 0.41 7.89  ? 17  SER A N    1 
ATOM   301 C CA   A SER A 1 17 ? -0.107  5.655   -3.396 0.59 7.83  ? 17  SER A CA   1 
ATOM   302 C CA   B SER A 1 17 ? -0.080  5.708   -3.591 0.41 8.16  ? 17  SER A CA   1 
ATOM   303 C C    A SER A 1 17 ? 1.338   5.408   -3.844 0.59 7.70  ? 17  SER A C    1 
ATOM   304 C C    B SER A 1 17 ? 1.412   5.410   -3.707 0.41 8.34  ? 17  SER A C    1 
ATOM   305 O O    A SER A 1 17 ? 2.064   6.359   -4.106 0.59 7.09  ? 17  SER A O    1 
ATOM   306 O O    B SER A 1 17 ? 2.246   6.315   -3.571 0.41 8.07  ? 17  SER A O    1 
ATOM   307 C CB   A SER A 1 17 ? -0.117  6.356   -2.041 0.59 7.60  ? 17  SER A CB   1 
ATOM   308 C CB   B SER A 1 17 ? -0.301  6.622   -2.400 0.41 9.75  ? 17  SER A CB   1 
ATOM   309 O OG   A SER A 1 17 ? -1.430  6.819   -1.739 0.59 8.56  ? 17  SER A OG   1 
ATOM   310 O OG   B SER A 1 17 ? 0.073   5.961   -1.207 0.41 17.95 ? 17  SER A OG   1 
ATOM   311 H H    A SER A 1 17 ? -0.666  3.880   -2.739 0.59 8.87  ? 17  SER A H    1 
ATOM   312 H H    B SER A 1 17 ? -0.494  3.877   -2.983 0.41 9.47  ? 17  SER A H    1 
ATOM   313 H HA   A SER A 1 17 ? -0.508  6.262   -4.038 0.59 9.39  ? 17  SER A HA   1 
ATOM   314 H HA   B SER A 1 17 ? -0.359  6.178   -4.392 0.41 9.80  ? 17  SER A HA   1 
ATOM   315 H HB2  A SER A 1 17 ? 0.164   5.728   -1.356 0.59 9.12  ? 17  SER A HB2  1 
ATOM   316 H HB2  B SER A 1 17 ? 0.242   7.419   -2.506 0.41 11.70 ? 17  SER A HB2  1 
ATOM   317 H HB3  A SER A 1 17 ? 0.488   7.113   -2.069 0.59 9.12  ? 17  SER A HB3  1 
ATOM   318 H HB3  B SER A 1 17 ? -1.240  6.860   -2.351 0.41 11.70 ? 17  SER A HB3  1 
ATOM   319 H HG   A SER A 1 17 ? -1.965  6.171   -1.714 0.59 10.27 ? 17  SER A HG   1 
ATOM   320 H HG   B SER A 1 17 ? -0.049  6.467   -0.547 0.41 21.54 ? 17  SER A HG   1 
ATOM   321 N N    . GLY A 1 18 ? 1.752   4.149   -3.930 1.00 7.58  ? 18  GLY A N    1 
ATOM   322 C CA   . GLY A 1 18 ? 3.130   3.777   -4.190 1.00 8.46  ? 18  GLY A CA   1 
ATOM   323 C C    . GLY A 1 18 ? 3.270   2.285   -4.014 1.00 6.46  ? 18  GLY A C    1 
ATOM   324 O O    . GLY A 1 18 ? 2.272   1.550   -3.931 1.00 7.25  ? 18  GLY A O    1 
ATOM   325 H H    A GLY A 1 18 ? 1.230   3.471   -3.839 0.59 9.10  ? 18  GLY A H    1 
ATOM   326 H H    B GLY A 1 18 ? 1.200   3.488   -3.937 0.41 9.10  ? 18  GLY A H    1 
ATOM   327 H HA2  . GLY A 1 18 ? 3.377   4.017   -5.096 1.00 10.15 ? 18  GLY A HA2  1 
ATOM   328 H HA3  . GLY A 1 18 ? 3.722   4.229   -3.568 1.00 10.15 ? 18  GLY A HA3  1 
ATOM   329 N N    . VAL A 1 19 ? 4.505   1.837   -3.943 1.00 6.51  ? 19  VAL A N    1 
ATOM   330 C CA   . VAL A 1 19 ? 4.801   0.468   -3.572 1.00 6.13  ? 19  VAL A CA   1 
ATOM   331 C C    . VAL A 1 19 ? 5.746   0.470   -2.393 1.00 5.82  ? 19  VAL A C    1 
ATOM   332 O O    . VAL A 1 19 ? 6.579   1.368   -2.248 1.00 8.04  ? 19  VAL A O    1 
ATOM   333 C CB   . VAL A 1 19 ? 5.392   -0.372  -4.744 1.00 6.94  ? 19  VAL A CB   1 
ATOM   334 C CG1  . VAL A 1 19 ? 4.320   -0.631  -5.795 1.00 7.93  ? 19  VAL A CG1  1 
ATOM   335 C CG2  . VAL A 1 19 ? 6.619   0.294   -5.354 1.00 7.65  ? 19  VAL A CG2  1 
ATOM   336 H H    . VAL A 1 19 ? 5.202   2.313   -4.109 1.00 7.81  ? 19  VAL A H    1 
ATOM   337 H HA   . VAL A 1 19 ? 3.979   0.040   -3.290 1.00 7.35  ? 19  VAL A HA   1 
ATOM   338 H HB   . VAL A 1 19 ? 5.671   -1.232  -4.394 1.00 8.32  ? 19  VAL A HB   1 
ATOM   339 H HG11 . VAL A 1 19 ? 4.705   -1.155  -6.515 1.00 9.52  ? 19  VAL A HG11 1 
ATOM   340 H HG12 . VAL A 1 19 ? 3.588   -1.119  -5.385 1.00 9.52  ? 19  VAL A HG12 1 
ATOM   341 H HG13 . VAL A 1 19 ? 4.000   0.218   -6.136 1.00 9.52  ? 19  VAL A HG13 1 
ATOM   342 H HG21 . VAL A 1 19 ? 6.951   -0.262  -6.076 1.00 9.18  ? 19  VAL A HG21 1 
ATOM   343 H HG22 . VAL A 1 19 ? 6.367   1.165   -5.695 1.00 9.18  ? 19  VAL A HG22 1 
ATOM   344 H HG23 . VAL A 1 19 ? 7.299   0.389   -4.669 1.00 9.18  ? 19  VAL A HG23 1 
ATOM   345 N N    . CYS A 1 20 ? 5.601   -0.531  -1.549 1.00 6.22  ? 20  CYS A N    1 
ATOM   346 C CA   . CYS A 1 20 ? 6.596   -0.867  -0.546 1.00 6.91  ? 20  CYS A CA   1 
ATOM   347 C C    . CYS A 1 20 ? 7.459   -1.986  -1.090 1.00 7.07  ? 20  CYS A C    1 
ATOM   348 O O    . CYS A 1 20 ? 7.002   -2.814  -1.869 1.00 11.35 ? 20  CYS A O    1 
ATOM   349 C CB   . CYS A 1 20 ? 5.934   -1.340  0.741  1.00 7.79  ? 20  CYS A CB   1 
ATOM   350 S SG   . CYS A 1 20 ? 4.770   -0.163  1.399  1.00 9.81  ? 20  CYS A SG   1 
ATOM   351 H H    . CYS A 1 20 ? 4.915   -1.049  -1.536 1.00 7.46  ? 20  CYS A H    1 
ATOM   352 H HA   . CYS A 1 20 ? 7.153   -0.096  -0.355 1.00 8.30  ? 20  CYS A HA   1 
ATOM   353 H HB2  . CYS A 1 20 ? 5.457   -2.166  0.565  1.00 9.35  ? 20  CYS A HB2  1 
ATOM   354 H HB3  . CYS A 1 20 ? 6.620   -1.490  1.411  1.00 9.35  ? 20  CYS A HB3  1 
ATOM   355 N N    . ARG A 1 21 ? 8.724   -2.007  -0.704 1.00 9.05  ? 21  ARG A N    1 
ATOM   356 C CA   . ARG A 1 21 ? 9.644   -3.034  -1.146 1.00 8.00  ? 21  ARG A CA   1 
ATOM   357 C C    . ARG A 1 21 ? 10.164  -3.703  0.100  1.00 8.10  ? 21  ARG A C    1 
ATOM   358 O O    . ARG A 1 21 ? 10.651  -3.031  1.014  1.00 9.92  ? 21  ARG A O    1 
ATOM   359 C CB   . ARG A 1 21 ? 10.778  -2.416  -1.943 1.00 9.83  ? 21  ARG A CB   1 
ATOM   360 C CG   . ARG A 1 21 ? 11.667  -3.405  -2.667 1.00 10.79 ? 21  ARG A CG   1 
ATOM   361 C CD   . ARG A 1 21 ? 12.538  -2.651  -3.665 1.00 19.28 ? 21  ARG A CD   1 
ATOM   362 N NE   . ARG A 1 21 ? 13.297  -1.623  -2.977 1.00 17.56 ? 21  ARG A NE   1 
ATOM   363 C CZ   . ARG A 1 21 ? 13.891  -0.581  -3.548 1.00 11.34 ? 21  ARG A CZ   1 
ATOM   364 N NH1  . ARG A 1 21 ? 13.825  -0.349  -4.845 1.00 11.83 ? 21  ARG A NH1  1 
ATOM   365 N NH2  . ARG A 1 21 ? 14.557  0.254   -2.783 1.00 15.09 ? 21  ARG A NH2  1 
ATOM   366 H H    . ARG A 1 21 ? 9.078   -1.427  -0.179 1.00 10.86 ? 21  ARG A H    1 
ATOM   367 H HA   . ARG A 1 21 ? 9.184   -3.688  -1.695 1.00 9.60  ? 21  ARG A HA   1 
ATOM   368 H HB2  . ARG A 1 21 ? 10.398  -1.822  -2.609 1.00 11.80 ? 21  ARG A HB2  1 
ATOM   369 H HB3  . ARG A 1 21 ? 11.339  -1.908  -1.336 1.00 11.80 ? 21  ARG A HB3  1 
ATOM   370 H HG2  . ARG A 1 21 ? 12.243  -3.856  -2.031 1.00 12.95 ? 21  ARG A HG2  1 
ATOM   371 H HG3  . ARG A 1 21 ? 11.120  -4.043  -3.152 1.00 12.95 ? 21  ARG A HG3  1 
ATOM   372 H HD2  . ARG A 1 21 ? 13.160  -3.265  -4.085 1.00 23.13 ? 21  ARG A HD2  1 
ATOM   373 H HD3  . ARG A 1 21 ? 11.976  -2.226  -4.332 1.00 23.13 ? 21  ARG A HD3  1 
ATOM   374 H HE   . ARG A 1 21 ? 13.368  -1.695  -2.123 1.00 21.07 ? 21  ARG A HE   1 
ATOM   375 H HH11 . ARG A 1 21 ? 13.395  -0.891  -5.358 1.00 14.20 ? 21  ARG A HH11 1 
ATOM   376 H HH12 . ARG A 1 21 ? 14.219  0.338   -5.180 1.00 14.20 ? 21  ARG A HH12 1 
ATOM   377 H HH21 . ARG A 1 21 ? 14.601  0.117   -1.936 1.00 18.11 ? 21  ARG A HH21 1 
ATOM   378 H HH22 . ARG A 1 21 ? 14.941  0.941   -3.129 1.00 18.11 ? 21  ARG A HH22 1 
ATOM   379 N N    . ILE A 1 22 ? 10.032  -5.021  0.159  1.00 9.07  ? 22  ILE A N    1 
ATOM   380 C CA   . ILE A 1 22 ? 10.523  -5.796  1.275  1.00 11.12 ? 22  ILE A CA   1 
ATOM   381 C C    . ILE A 1 22 ? 11.265  -7.002  0.700  1.00 10.79 ? 22  ILE A C    1 
ATOM   382 O O    . ILE A 1 22 ? 10.682  -7.829  0.025  1.00 11.32 ? 22  ILE A O    1 
ATOM   383 C CB   . ILE A 1 22 ? 9.367   -6.212  2.206  1.00 15.26 ? 22  ILE A CB   1 
ATOM   384 C CG1  . ILE A 1 22 ? 8.631   -4.962  2.715  1.00 17.50 ? 22  ILE A CG1  1 
ATOM   385 C CG2  . ILE A 1 22 ? 9.889   -7.053  3.365  1.00 20.39 ? 22  ILE A CG2  1 
ATOM   386 C CD1  . ILE A 1 22 ? 7.289   -5.227  3.351  1.00 27.02 ? 22  ILE A CD1  1 
ATOM   387 H H    . ILE A 1 22 ? 9.653   -5.493  -0.451 1.00 10.88 ? 22  ILE A H    1 
ATOM   388 H HA   . ILE A 1 22 ? 11.152  -5.264  1.786  1.00 13.34 ? 22  ILE A HA   1 
ATOM   389 H HB   . ILE A 1 22 ? 8.742   -6.750  1.695  1.00 18.31 ? 22  ILE A HB   1 
ATOM   390 H HG12 . ILE A 1 22 ? 9.188   -4.525  3.378  1.00 21.00 ? 22  ILE A HG12 1 
ATOM   391 H HG13 . ILE A 1 22 ? 8.486   -4.363  1.967  1.00 21.00 ? 22  ILE A HG13 1 
ATOM   392 H HG21 . ILE A 1 22 ? 9.144   -7.302  3.934  1.00 24.46 ? 22  ILE A HG21 1 
ATOM   393 H HG22 . ILE A 1 22 ? 10.316  -7.849  3.011  1.00 24.46 ? 22  ILE A HG22 1 
ATOM   394 H HG23 . ILE A 1 22 ? 10.532  -6.530  3.869  1.00 24.46 ? 22  ILE A HG23 1 
ATOM   395 H HD11 . ILE A 1 22 ? 6.905   -4.384  3.639  1.00 32.43 ? 22  ILE A HD11 1 
ATOM   396 H HD12 . ILE A 1 22 ? 6.709   -5.650  2.699  1.00 32.43 ? 22  ILE A HD12 1 
ATOM   397 H HD13 . ILE A 1 22 ? 7.413   -5.812  4.115  1.00 32.43 ? 22  ILE A HD13 1 
ATOM   398 N N    A SER A 1 23 ? 12.564  -7.082  0.963  0.53 12.12 ? 23  SER A N    1 
ATOM   399 N N    B SER A 1 23 ? 12.563  -7.061  0.983  0.47 12.06 ? 23  SER A N    1 
ATOM   400 C CA   A SER A 1 23 ? 13.406  -8.162  0.435  0.53 13.44 ? 23  SER A CA   1 
ATOM   401 C CA   B SER A 1 23 ? 13.452  -8.089  0.439  0.47 13.62 ? 23  SER A CA   1 
ATOM   402 C C    A SER A 1 23 ? 13.340  -8.258  -1.092 0.53 12.47 ? 23  SER A C    1 
ATOM   403 C C    B SER A 1 23 ? 13.263  -8.254  -1.068 0.47 12.38 ? 23  SER A C    1 
ATOM   404 O O    A SER A 1 23 ? 13.413  -9.337  -1.673 0.53 11.69 ? 23  SER A O    1 
ATOM   405 O O    B SER A 1 23 ? 13.158  -9.368  -1.603 0.47 12.12 ? 23  SER A O    1 
ATOM   406 C CB   A SER A 1 23 ? 13.028  -9.506  1.064  0.53 17.12 ? 23  SER A CB   1 
ATOM   407 C CB   B SER A 1 23 ? 13.266  -9.415  1.175  0.47 16.37 ? 23  SER A CB   1 
ATOM   408 O OG   A SER A 1 23 ? 14.112  -10.419 0.979  0.53 14.09 ? 23  SER A OG   1 
ATOM   409 O OG   B SER A 1 23 ? 13.519  -9.253  2.560  0.47 22.50 ? 23  SER A OG   1 
ATOM   410 H H    A SER A 1 23 ? 12.992  -6.518  1.450  0.53 14.55 ? 23  SER A H    1 
ATOM   411 H H    B SER A 1 23 ? 12.965  -6.503  1.499  0.47 14.47 ? 23  SER A H    1 
ATOM   412 H HA   A SER A 1 23 ? 14.328  -7.977  0.675  0.53 16.13 ? 23  SER A HA   1 
ATOM   413 H HA   B SER A 1 23 ? 14.368  -7.807  0.584  0.47 16.34 ? 23  SER A HA   1 
ATOM   414 H HB2  A SER A 1 23 ? 12.804  -9.366  1.997  0.53 20.54 ? 23  SER A HB2  1 
ATOM   415 H HB2  B SER A 1 23 ? 12.353  -9.720  1.053  0.47 19.64 ? 23  SER A HB2  1 
ATOM   416 H HB3  A SER A 1 23 ? 12.267  -9.873  0.590  0.53 20.54 ? 23  SER A HB3  1 
ATOM   417 H HB3  B SER A 1 23 ? 13.886  -10.068 0.814  0.47 19.64 ? 23  SER A HB3  1 
ATOM   418 H HG   A SER A 1 23 ? 14.317  -10.547 0.175  0.53 16.90 ? 23  SER A HG   1 
ATOM   419 H HG   B SER A 1 23 ? 13.415  -9.985  2.960  0.47 27.00 ? 23  SER A HG   1 
ATOM   420 N N    . GLY A 1 24 ? 13.226  -7.112  -1.744 1.00 10.75 ? 24  GLY A N    1 
ATOM   421 C CA   . GLY A 1 24 ? 13.167  -7.081  -3.186 1.00 10.97 ? 24  GLY A CA   1 
ATOM   422 C C    . GLY A 1 24 ? 11.835  -7.465  -3.796 1.00 11.71 ? 24  GLY A C    1 
ATOM   423 O O    . GLY A 1 24 ? 11.764  -7.624  -5.018 1.00 17.96 ? 24  GLY A O    1 
ATOM   424 H H    A GLY A 1 24 ? 13.182  -6.338  -1.370 0.53 12.90 ? 24  GLY A H    1 
ATOM   425 H H    B GLY A 1 24 ? 13.235  -6.333  -1.378 0.47 12.90 ? 24  GLY A H    1 
ATOM   426 H HA2  . GLY A 1 24 ? 13.385  -6.186  -3.489 1.00 13.17 ? 24  GLY A HA2  1 
ATOM   427 H HA3  . GLY A 1 24 ? 13.839  -7.687  -3.538 1.00 13.17 ? 24  GLY A HA3  1 
ATOM   428 N N    . ARG A 1 25 ? 10.794  -7.615  -2.979 1.00 9.26  ? 25  ARG A N    1 
ATOM   429 C CA   . ARG A 1 25 ? 9.457   -7.897  -3.483 1.00 10.34 ? 25  ARG A CA   1 
ATOM   430 C C    . ARG A 1 25 ? 8.547   -6.696  -3.242 1.00 7.90  ? 25  ARG A C    1 
ATOM   431 O O    . ARG A 1 25 ? 8.706   -5.982  -2.255 1.00 9.03  ? 25  ARG A O    1 
ATOM   432 C CB   . ARG A 1 25 ? 8.916   -9.139  -2.804 1.00 11.99 ? 25  ARG A CB   1 
ATOM   433 C CG   . ARG A 1 25 ? 9.898   -10.301 -2.880 1.00 16.05 ? 25  ARG A CG   1 
ATOM   434 C CD   . ARG A 1 25 ? 9.245   -11.596 -2.487 1.00 21.11 ? 25  ARG A CD   1 
ATOM   435 N NE   . ARG A 1 25 ? 10.132  -12.729 -2.714 1.00 17.18 ? 25  ARG A NE   1 
ATOM   436 C CZ   . ARG A 1 25 ? 11.066  -13.125 -1.858 1.00 18.23 ? 25  ARG A CZ   1 
ATOM   437 N NH1  . ARG A 1 25 ? 11.256  -12.489 -0.709 1.00 20.08 ? 25  ARG A NH1  1 
ATOM   438 N NH2  . ARG A 1 25 ? 11.812  -14.177 -2.156 1.00 20.26 ? 25  ARG A NH2  1 
ATOM   439 H H    . ARG A 1 25 ? 10.839  -7.559  -2.123 1.00 11.11 ? 25  ARG A H    1 
ATOM   440 H HA   . ARG A 1 25 ? 9.501   -8.063  -4.438 1.00 12.41 ? 25  ARG A HA   1 
ATOM   441 H HB2  . ARG A 1 25 ? 8.751   -8.944  -1.868 1.00 14.39 ? 25  ARG A HB2  1 
ATOM   442 H HB3  . ARG A 1 25 ? 8.094   -9.408  -3.240 1.00 14.39 ? 25  ARG A HB3  1 
ATOM   443 H HG2  . ARG A 1 25 ? 10.222  -10.388 -3.790 1.00 19.26 ? 25  ARG A HG2  1 
ATOM   444 H HG3  . ARG A 1 25 ? 10.637  -10.138 -2.274 1.00 19.26 ? 25  ARG A HG3  1 
ATOM   445 H HD2  . ARG A 1 25 ? 9.020   -11.568 -1.544 1.00 25.33 ? 25  ARG A HD2  1 
ATOM   446 H HD3  . ARG A 1 25 ? 8.444   -11.725 -3.020 1.00 25.33 ? 25  ARG A HD3  1 
ATOM   447 H HE   . ARG A 1 25 ? 10.071  -13.144 -3.464 1.00 20.61 ? 25  ARG A HE   1 
ATOM   448 H HH11 . ARG A 1 25 ? 10.771  -11.808 -0.509 1.00 24.10 ? 25  ARG A HH11 1 
ATOM   449 H HH12 . ARG A 1 25 ? 11.865  -12.757 -0.164 1.00 24.10 ? 25  ARG A HH12 1 
ATOM   450 H HH21 . ARG A 1 25 ? 11.694  -14.591 -2.900 1.00 24.31 ? 25  ARG A HH21 1 
ATOM   451 H HH22 . ARG A 1 25 ? 12.422  -14.439 -1.609 1.00 24.31 ? 25  ARG A HH22 1 
ATOM   452 N N    . LEU A 1 26 ? 7.607   -6.485  -4.151 1.00 7.74  ? 26  LEU A N    1 
ATOM   453 C CA   . LEU A 1 26 ? 6.731   -5.324  -4.094 1.00 7.17  ? 26  LEU A CA   1 
ATOM   454 C C    . LEU A 1 26 ? 5.394   -5.630  -3.449 1.00 7.04  ? 26  LEU A C    1 
ATOM   455 O O    . LEU A 1 26 ? 4.776   -6.672  -3.708 1.00 9.65  ? 26  LEU A O    1 
ATOM   456 C CB   . LEU A 1 26 ? 6.465   -4.778  -5.484 1.00 9.18  ? 26  LEU A CB   1 
ATOM   457 C CG   . LEU A 1 26 ? 7.690   -4.320  -6.266 1.00 9.19  ? 26  LEU A CG   1 
ATOM   458 C CD1  . LEU A 1 26 ? 7.265   -3.714  -7.577 1.00 14.06 ? 26  LEU A CD1  1 
ATOM   459 C CD2  . LEU A 1 26 ? 8.530   -3.337  -5.464 1.00 10.57 ? 26  LEU A CD2  1 
ATOM   460 H H    . LEU A 1 26 ? 7.454   -7.006  -4.818 1.00 9.29  ? 26  LEU A H    1 
ATOM   461 H HA   . LEU A 1 26 ? 7.162   -4.627  -3.575 1.00 8.61  ? 26  LEU A HA   1 
ATOM   462 H HB2  . LEU A 1 26 ? 6.032   -5.472  -6.005 1.00 11.01 ? 26  LEU A HB2  1 
ATOM   463 H HB3  . LEU A 1 26 ? 5.871   -4.016  -5.403 1.00 11.01 ? 26  LEU A HB3  1 
ATOM   464 H HG   . LEU A 1 26 ? 8.244   -5.091  -6.461 1.00 11.02 ? 26  LEU A HG   1 
ATOM   465 H HD11 . LEU A 1 26 ? 8.053   -3.427  -8.062 1.00 16.87 ? 26  LEU A HD11 1 
ATOM   466 H HD12 . LEU A 1 26 ? 6.783   -4.382  -8.090 1.00 16.87 ? 26  LEU A HD12 1 
ATOM   467 H HD13 . LEU A 1 26 ? 6.689   -2.954  -7.400 1.00 16.87 ? 26  LEU A HD13 1 
ATOM   468 H HD21 . LEU A 1 26 ? 9.296   -3.071  -5.994 1.00 12.69 ? 26  LEU A HD21 1 
ATOM   469 H HD22 . LEU A 1 26 ? 7.988   -2.561  -5.251 1.00 12.69 ? 26  LEU A HD22 1 
ATOM   470 H HD23 . LEU A 1 26 ? 8.825   -3.768  -4.647 1.00 12.69 ? 26  LEU A HD23 1 
ATOM   471 N N    . TYR A 1 27 ? 4.937   -4.680  -2.648 1.00 6.69  ? 27  TYR A N    1 
ATOM   472 C CA   . TYR A 1 27 ? 3.645   -4.708  -1.982 1.00 7.11  ? 27  TYR A CA   1 
ATOM   473 C C    . TYR A 1 27 ? 2.983   -3.369  -2.219 1.00 6.16  ? 27  TYR A C    1 
ATOM   474 O O    . TYR A 1 27 ? 3.660   -2.344  -2.401 1.00 7.61  ? 27  TYR A O    1 
ATOM   475 C CB   . TYR A 1 27 ? 3.836   -4.931  -0.488 1.00 7.58  ? 27  TYR A CB   1 
ATOM   476 C CG   . TYR A 1 27 ? 4.507   -6.232  -0.167 1.00 9.50  ? 27  TYR A CG   1 
ATOM   477 C CD1  . TYR A 1 27 ? 5.881   -6.363  -0.273 1.00 10.26 ? 27  TYR A CD1  1 
ATOM   478 C CD2  . TYR A 1 27 ? 3.775   -7.333  0.232  1.00 14.39 ? 27  TYR A CD2  1 
ATOM   479 C CE1  . TYR A 1 27 ? 6.514   -7.549  -0.006 1.00 13.31 ? 27  TYR A CE1  1 
ATOM   480 C CE2  . TYR A 1 27 ? 4.401   -8.533  0.511  1.00 16.61 ? 27  TYR A CE2  1 
ATOM   481 C CZ   . TYR A 1 27 ? 5.770   -8.627  0.387  1.00 15.34 ? 27  TYR A CZ   1 
ATOM   482 O OH   . TYR A 1 27 ? 6.407   -9.818  0.664  1.00 20.56 ? 27  TYR A OH   1 
ATOM   483 H H    . TYR A 1 27 ? 5.386   -3.969  -2.464 1.00 8.03  ? 27  TYR A H    1 
ATOM   484 H HA   . TYR A 1 27 ? 3.089   -5.415  -2.348 1.00 8.53  ? 27  TYR A HA   1 
ATOM   485 H HB2  . TYR A 1 27 ? 4.386   -4.215  -0.130 1.00 9.10  ? 27  TYR A HB2  1 
ATOM   486 H HB3  . TYR A 1 27 ? 2.968   -4.927  -0.056 1.00 9.10  ? 27  TYR A HB3  1 
ATOM   487 H HD1  . TYR A 1 27 ? 6.386   -5.631  -0.548 1.00 12.31 ? 27  TYR A HD1  1 
ATOM   488 H HD2  . TYR A 1 27 ? 2.850   -7.268  0.309  1.00 17.27 ? 27  TYR A HD2  1 
ATOM   489 H HE1  . TYR A 1 27 ? 7.438   -7.616  -0.083 1.00 15.97 ? 27  TYR A HE1  1 
ATOM   490 H HE2  . TYR A 1 27 ? 3.903   -9.272  0.778  1.00 19.94 ? 27  TYR A HE2  1 
ATOM   491 H HH   . TYR A 1 27 ? 7.235   -9.734  0.550  1.00 24.68 ? 27  TYR A HH   1 
ATOM   492 N N    . ARG A 1 28 ? 1.665   -3.331  -2.209 1.00 6.31  ? 28  ARG A N    1 
ATOM   493 C CA   . ARG A 1 28 ? 0.960   -2.056  -2.324 1.00 6.82  ? 28  ARG A CA   1 
ATOM   494 C C    . ARG A 1 28 ? 1.191   -1.156  -1.117 1.00 6.09  ? 28  ARG A C    1 
ATOM   495 O O    . ARG A 1 28 ? 1.119   -1.616  0.017  1.00 7.59  ? 28  ARG A O    1 
ATOM   496 C CB   . ARG A 1 28 ? -0.540  -2.297  -2.464 1.00 6.73  ? 28  ARG A CB   1 
ATOM   497 C CG   . ARG A 1 28 ? -0.923  -2.995  -3.756 1.00 6.24  ? 28  ARG A CG   1 
ATOM   498 C CD   . ARG A 1 28 ? -2.419  -3.182  -3.810 1.00 6.74  ? 28  ARG A CD   1 
ATOM   499 N NE   . ARG A 1 28 ? -2.887  -3.903  -4.993 1.00 7.18  ? 28  ARG A NE   1 
ATOM   500 C CZ   . ARG A 1 28 ? -2.866  -5.227  -5.144 1.00 6.47  ? 28  ARG A CZ   1 
ATOM   501 N NH1  . ARG A 1 28 ? -2.389  -6.002  -4.199 1.00 7.09  ? 28  ARG A NH1  1 
ATOM   502 N NH2  . ARG A 1 28 ? -3.317  -5.778  -6.264 1.00 7.41  ? 28  ARG A NH2  1 
ATOM   503 H H    . ARG A 1 28 ? 1.154   -4.019  -2.137 1.00 7.58  ? 28  ARG A H    1 
ATOM   504 H HA   . ARG A 1 28 ? 1.268   -1.589  -3.116 1.00 8.19  ? 28  ARG A HA   1 
ATOM   505 H HB2  . ARG A 1 28 ? -0.839  -2.850  -1.726 1.00 8.08  ? 28  ARG A HB2  1 
ATOM   506 H HB3  . ARG A 1 28 ? -0.998  -1.442  -2.442 1.00 8.08  ? 28  ARG A HB3  1 
ATOM   507 H HG2  . ARG A 1 28 ? -0.651  -2.453  -4.513 1.00 7.49  ? 28  ARG A HG2  1 
ATOM   508 H HG3  . ARG A 1 28 ? -0.500  -3.868  -3.791 1.00 7.49  ? 28  ARG A HG3  1 
ATOM   509 H HD2  . ARG A 1 28 ? -2.700  -3.682  -3.029 1.00 8.09  ? 28  ARG A HD2  1 
ATOM   510 H HD3  . ARG A 1 28 ? -2.842  -2.309  -3.810 1.00 8.09  ? 28  ARG A HD3  1 
ATOM   511 H HE   . ARG A 1 28 ? -3.202  -3.436  -5.642 1.00 8.62  ? 28  ARG A HE   1 
ATOM   512 H HH11 . ARG A 1 28 ? -2.093  -5.656  -3.469 1.00 8.51  ? 28  ARG A HH11 1 
ATOM   513 H HH12 . ARG A 1 28 ? -2.378  -6.855  -4.307 1.00 8.51  ? 28  ARG A HH12 1 
ATOM   514 H HH21 . ARG A 1 28 ? -3.630  -5.280  -6.892 1.00 8.89  ? 28  ARG A HH21 1 
ATOM   515 H HH22 . ARG A 1 28 ? -3.299  -6.631  -6.360 1.00 8.89  ? 28  ARG A HH22 1 
ATOM   516 N N    . LEU A 1 29 ? 1.432   0.130   -1.374 1.00 5.95  ? 29  LEU A N    1 
ATOM   517 C CA   . LEU A 1 29 ? 1.373   1.168   -0.356 1.00 5.88  ? 29  LEU A CA   1 
ATOM   518 C C    . LEU A 1 29 ? 0.020   1.830   -0.463 1.00 6.29  ? 29  LEU A C    1 
ATOM   519 O O    . LEU A 1 29 ? -0.314  2.397   -1.501 1.00 7.33  ? 29  LEU A O    1 
ATOM   520 C CB   . LEU A 1 29 ? 2.430   2.229   -0.593 1.00 7.39  ? 29  LEU A CB   1 
ATOM   521 C CG   . LEU A 1 29 ? 2.379   3.382   0.419  1.00 8.71  ? 29  LEU A CG   1 
ATOM   522 C CD1  . LEU A 1 29 ? 2.924   2.923   1.758  1.00 10.51 ? 29  LEU A CD1  1 
ATOM   523 C CD2  . LEU A 1 29 ? 3.123   4.599   -0.103 1.00 11.58 ? 29  LEU A CD2  1 
ATOM   524 H H    . LEU A 1 29 ? 1.637   0.430   -2.154 1.00 7.14  ? 29  LEU A H    1 
ATOM   525 H HA   . LEU A 1 29 ? 1.482   0.787   0.529  1.00 7.06  ? 29  LEU A HA   1 
ATOM   526 H HB2  . LEU A 1 29 ? 3.307   1.818   -0.531 1.00 8.87  ? 29  LEU A HB2  1 
ATOM   527 H HB3  . LEU A 1 29 ? 2.305   2.605   -1.478 1.00 8.87  ? 29  LEU A HB3  1 
ATOM   528 H HG   . LEU A 1 29 ? 1.453   3.638   0.551  1.00 10.45 ? 29  LEU A HG   1 
ATOM   529 H HD11 . LEU A 1 29 ? 2.884   3.662   2.385  1.00 12.62 ? 29  LEU A HD11 1 
ATOM   530 H HD12 . LEU A 1 29 ? 2.384   2.185   2.082  1.00 12.62 ? 29  LEU A HD12 1 
ATOM   531 H HD13 . LEU A 1 29 ? 3.843   2.635   1.643  1.00 12.62 ? 29  LEU A HD13 1 
ATOM   532 H HD21 . LEU A 1 29 ? 3.072   5.306   0.558  1.00 13.90 ? 29  LEU A HD21 1 
ATOM   533 H HD22 . LEU A 1 29 ? 4.050   4.358   -0.260 1.00 13.90 ? 29  LEU A HD22 1 
ATOM   534 H HD23 . LEU A 1 29 ? 2.711   4.888   -0.931 1.00 13.90 ? 29  LEU A HD23 1 
ATOM   535 N N    . CYS A 1 30 ? -0.769  1.740   0.605  1.00 6.50  ? 30  CYS A N    1 
ATOM   536 C CA   . CYS A 1 30 ? -2.144  2.205   0.601  1.00 6.69  ? 30  CYS A CA   1 
ATOM   537 C C    . CYS A 1 30 ? -2.322  3.302   1.629  1.00 6.86  ? 30  CYS A C    1 
ATOM   538 O O    . CYS A 1 30 ? -1.956  3.122   2.785  1.00 8.28  ? 30  CYS A O    1 
ATOM   539 C CB   . CYS A 1 30 ? -3.075  1.032   0.921  1.00 8.40  ? 30  CYS A CB   1 
ATOM   540 S SG   . CYS A 1 30 ? -2.859  -0.373  -0.162 1.00 9.47  ? 30  CYS A SG   1 
ATOM   541 H H    . CYS A 1 30 ? -0.522  1.404   1.358  1.00 7.80  ? 30  CYS A H    1 
ATOM   542 H HA   . CYS A 1 30 ? -2.371  2.557   -0.274 1.00 8.03  ? 30  CYS A HA   1 
ATOM   543 H HB2  . CYS A 1 30 ? -2.904  0.735   1.829  1.00 10.09 ? 30  CYS A HB2  1 
ATOM   544 H HB3  . CYS A 1 30 ? -3.994  1.331   0.840  1.00 10.09 ? 30  CYS A HB3  1 
ATOM   545 N N    . CYS A 1 31 ? -2.856  4.443   1.211  1.00 6.98  ? 31  CYS A N    1 
ATOM   546 C CA   . CYS A 1 31 ? -2.878  5.635   2.050  1.00 7.21  ? 31  CYS A CA   1 
ATOM   547 C C    . CYS A 1 31 ? -4.266  6.245   2.145  1.00 7.07  ? 31  CYS A C    1 
ATOM   548 O O    . CYS A 1 31 ? -5.112  6.107   1.254  1.00 8.82  ? 31  CYS A O    1 
ATOM   549 C CB   . CYS A 1 31 ? -1.924  6.706   1.527  1.00 9.80  ? 31  CYS A CB   1 
ATOM   550 S SG   . CYS A 1 31 ? -0.217  6.221   1.415  1.00 10.20 ? 31  CYS A SG   1 
ATOM   551 H H    . CYS A 1 31 ? -3.216  4.554   0.438  1.00 8.38  ? 31  CYS A H    1 
ATOM   552 H HA   . CYS A 1 31 ? -2.595  5.395   2.946  1.00 8.65  ? 31  CYS A HA   1 
ATOM   553 H HB2  . CYS A 1 31 ? -2.211  6.964   0.638  1.00 11.76 ? 31  CYS A HB2  1 
ATOM   554 H HB3  . CYS A 1 31 ? -1.969  7.473   2.118  1.00 11.76 ? 31  CYS A HB3  1 
ATOM   555 N N    . ARG A 1 32 ? -4.467  6.974   3.238  1.00 8.12  ? 32  ARG A N    1 
ATOM   556 C CA   . ARG A 1 32 ? -5.680  7.740   3.505  1.00 9.07  ? 32  ARG A CA   1 
ATOM   557 C C    . ARG A 1 32 ? -5.330  9.084   4.078  1.00 9.85  ? 32  ARG A C    1 
ATOM   558 O O    . ARG A 1 32 ? -6.193  9.974   4.096  1.00 12.33 ? 32  ARG A O    1 
ATOM   559 C CB   . ARG A 1 32 ? -6.583  7.004   4.514  1.00 13.00 ? 32  ARG A CB   1 
ATOM   560 C CG   . ARG A 1 32 ? -5.958  6.840   5.906  1.00 12.76 ? 32  ARG A CG   1 
ATOM   561 C CD   . ARG A 1 32 ? -6.707  5.834   6.770  1.00 13.37 ? 32  ARG A CD   1 
ATOM   562 N NE   . ARG A 1 32 ? -6.527  4.479   6.261  1.00 13.32 ? 32  ARG A NE   1 
ATOM   563 C CZ   . ARG A 1 32 ? -7.186  3.411   6.700  1.00 12.47 ? 32  ARG A CZ   1 
ATOM   564 N NH1  . ARG A 1 32 ? -8.088  3.517   7.667  1.00 15.32 ? 32  ARG A NH1  1 
ATOM   565 N NH2  . ARG A 1 32 ? -6.950  2.225   6.158  1.00 16.55 ? 32  ARG A NH2  1 
ATOM   566 O OXT  . ARG A 1 32 ? -4.222  9.296   4.568  1.00 12.29 ? 32  ARG A OXT  1 
ATOM   567 H H    . ARG A 1 32 ? -3.887  7.042   3.868  1.00 9.74  ? 32  ARG A H    1 
ATOM   568 H HA   . ARG A 1 32 ? -6.174  7.871   2.680  1.00 10.89 ? 32  ARG A HA   1 
ATOM   569 H HB2  . ARG A 1 32 ? -7.408  7.504   4.616  1.00 15.59 ? 32  ARG A HB2  1 
ATOM   570 H HB3  . ARG A 1 32 ? -6.778  6.117   4.170  1.00 15.59 ? 32  ARG A HB3  1 
ATOM   571 H HG2  . ARG A 1 32 ? -5.044  6.530   5.807  1.00 15.31 ? 32  ARG A HG2  1 
ATOM   572 H HG3  . ARG A 1 32 ? -5.971  7.696   6.361  1.00 15.31 ? 32  ARG A HG3  1 
ATOM   573 H HD2  . ARG A 1 32 ? -6.363  5.868   7.676  1.00 16.05 ? 32  ARG A HD2  1 
ATOM   574 H HD3  . ARG A 1 32 ? -7.654  6.041   6.759  1.00 16.05 ? 32  ARG A HD3  1 
ATOM   575 H HE   . ARG A 1 32 ? -5.954  4.363   5.631  1.00 15.99 ? 32  ARG A HE   1 
ATOM   576 H HH11 . ARG A 1 32 ? -8.250  4.283   8.022  1.00 18.39 ? 32  ARG A HH11 1 
ATOM   577 H HH12 . ARG A 1 32 ? -8.508  2.818   7.943  1.00 18.39 ? 32  ARG A HH12 1 
ATOM   578 H HH21 . ARG A 1 32 ? -6.367  2.148   5.530  1.00 19.86 ? 32  ARG A HH21 1 
ATOM   579 H HH22 . ARG A 1 32 ? -7.373  1.531   6.439  1.00 19.86 ? 32  ARG A HH22 1 
HETATM 580 S S    A SO4 B 2 .  ? -3.764  -9.430  -4.887 0.55 6.35  ? 101 SO4 A S    1 
HETATM 581 S S    B SO4 B 2 .  ? -3.256  -9.452  -5.206 0.45 10.78 ? 101 SO4 A S    1 
HETATM 582 O O1   A SO4 B 2 .  ? -3.254  -8.802  -3.681 0.55 9.58  ? 101 SO4 A O1   1 
HETATM 583 O O1   B SO4 B 2 .  ? -2.607  -8.750  -4.106 0.45 12.39 ? 101 SO4 A O1   1 
HETATM 584 O O2   A SO4 B 2 .  ? -3.171  -10.751 -5.114 0.55 10.35 ? 101 SO4 A O2   1 
HETATM 585 O O2   B SO4 B 2 .  ? -3.949  -10.660 -4.735 0.45 13.10 ? 101 SO4 A O2   1 
HETATM 586 O O3   A SO4 B 2 .  ? -5.198  -9.545  -4.793 0.55 14.09 ? 101 SO4 A O3   1 
HETATM 587 O O3   B SO4 B 2 .  ? -4.147  -8.518  -5.896 0.45 7.63  ? 101 SO4 A O3   1 
HETATM 588 O O4   A SO4 B 2 .  ? -3.369  -8.610  -6.025 0.55 11.51 ? 101 SO4 A O4   1 
HETATM 589 O O4   B SO4 B 2 .  ? -2.261  -9.892  -6.174 0.45 19.97 ? 101 SO4 A O4   1 
HETATM 590 S S    A SO4 C 2 .  ? -5.836  -1.841  -5.543 0.52 7.84  ? 102 SO4 A S    1 
HETATM 591 S S    B SO4 C 2 .  ? -5.742  -1.547  -5.369 0.48 6.87  ? 102 SO4 A S    1 
HETATM 592 O O1   A SO4 C 2 .  ? -5.821  -2.573  -4.285 0.52 9.37  ? 102 SO4 A O1   1 
HETATM 593 O O1   B SO4 C 2 .  ? -5.454  -1.976  -4.014 0.48 10.83 ? 102 SO4 A O1   1 
HETATM 594 O O2   A SO4 C 2 .  ? -4.490  -1.400  -5.925 0.52 7.96  ? 102 SO4 A O2   1 
HETATM 595 O O2   B SO4 C 2 .  ? -5.497  -0.120  -5.431 0.48 14.70 ? 102 SO4 A O2   1 
HETATM 596 O O3   A SO4 C 2 .  ? -6.359  -2.719  -6.580 0.52 10.23 ? 102 SO4 A O3   1 
HETATM 597 O O3   B SO4 C 2 .  ? -4.831  -2.191  -6.316 0.48 9.34  ? 102 SO4 A O3   1 
HETATM 598 O O4   A SO4 C 2 .  ? -6.720  -0.680  -5.464 0.52 11.81 ? 102 SO4 A O4   1 
HETATM 599 O O4   B SO4 C 2 .  ? -7.147  -1.767  -5.687 0.48 13.19 ? 102 SO4 A O4   1 
HETATM 600 S S    A SO4 D 2 .  ? -3.199  -6.778  4.590  0.53 13.60 ? 103 SO4 A S    1 
HETATM 601 S S    B SO4 D 2 .  ? -3.186  -6.523  5.444  0.47 12.88 ? 103 SO4 A S    1 
HETATM 602 O O1   A SO4 D 2 .  ? -4.096  -5.724  5.051  0.53 19.31 ? 103 SO4 A O1   1 
HETATM 603 O O1   B SO4 D 2 .  ? -4.485  -6.401  4.790  0.47 20.65 ? 103 SO4 A O1   1 
HETATM 604 O O2   A SO4 D 2 .  ? -1.817  -6.346  4.785  0.53 16.50 ? 103 SO4 A O2   1 
HETATM 605 O O2   B SO4 D 2 .  ? -3.239  -7.588  6.441  0.47 23.36 ? 103 SO4 A O2   1 
HETATM 606 O O3   A SO4 D 2 .  ? -3.424  -7.992  5.369  0.53 15.74 ? 103 SO4 A O3   1 
HETATM 607 O O3   B SO4 D 2 .  ? -2.187  -6.879  4.447  0.47 18.62 ? 103 SO4 A O3   1 
HETATM 608 O O4   A SO4 D 2 .  ? -3.502  -6.991  3.178  0.53 15.38 ? 103 SO4 A O4   1 
HETATM 609 O O4   B SO4 D 2 .  ? -2.806  -5.260  6.068  0.47 26.89 ? 103 SO4 A O4   1 
HETATM 610 O O    . HOH E 3 .  ? 0.215   -5.794  -1.810 1.00 11.42 ? 201 HOH A O    1 
HETATM 611 O O    . HOH E 3 .  ? 1.403   1.112   8.484  1.00 10.14 ? 202 HOH A O    1 
HETATM 612 O O    . HOH E 3 .  ? 2.301   -1.051  7.115  1.00 12.94 ? 203 HOH A O    1 
HETATM 613 O O    . HOH E 3 .  ? 1.657   12.567  3.704  1.00 11.02 ? 204 HOH A O    1 
HETATM 614 O O    . HOH E 3 .  ? -6.624  1.951   -4.348 1.00 14.11 ? 205 HOH A O    1 
HETATM 615 O O    . HOH E 3 .  ? -4.455  5.145   -6.731 1.00 14.25 ? 206 HOH A O    1 
HETATM 616 O O    . HOH E 3 .  ? 9.058   -10.099 0.554  1.00 21.12 ? 207 HOH A O    1 
HETATM 617 O O    . HOH E 3 .  ? -1.540  14.180  3.438  1.00 21.50 ? 208 HOH A O    1 
HETATM 618 O O    . HOH E 3 .  ? -1.616  -11.889 -0.417 1.00 25.31 ? 209 HOH A O    1 
HETATM 619 O O    . HOH E 3 .  ? 7.265   -7.926  -6.701 1.00 22.81 ? 210 HOH A O    1 
HETATM 620 O O    . HOH E 3 .  ? -4.055  -11.412 0.132  1.00 19.88 ? 211 HOH A O    1 
HETATM 621 O O    . HOH E 3 .  ? 0.799   -3.056  8.582  1.00 27.62 ? 212 HOH A O    1 
HETATM 622 O O    . HOH E 3 .  ? -8.496  12.721  7.454  1.00 31.13 ? 213 HOH A O    1 
HETATM 623 O O    . HOH E 3 .  ? -5.309  12.324  4.861  1.00 16.40 ? 214 HOH A O    1 
HETATM 624 O O    . HOH E 3 .  ? 5.386   -9.448  -3.889 1.00 26.01 ? 215 HOH A O    1 
HETATM 625 O O    . HOH E 3 .  ? 1.604   9.366   -0.595 1.00 19.35 ? 216 HOH A O    1 
HETATM 626 O O    . HOH E 3 .  ? -9.126  1.211   -2.812 1.00 23.26 ? 217 HOH A O    1 
HETATM 627 O O    . HOH E 3 .  ? -8.680  -1.829  -3.287 1.00 17.25 ? 218 HOH A O    1 
HETATM 628 O O    . HOH E 3 .  ? -4.285  4.068   4.672  1.00 13.62 ? 219 HOH A O    1 
HETATM 629 O O    . HOH E 3 .  ? -0.615  -3.889  6.372  1.00 25.46 ? 220 HOH A O    1 
HETATM 630 O O    . HOH E 3 .  ? 4.847   -1.792  7.756  1.00 26.19 ? 221 HOH A O    1 
HETATM 631 O O    . HOH E 3 .  ? -5.165  -6.244  1.964  1.00 31.80 ? 222 HOH A O    1 
HETATM 632 O O    . HOH E 3 .  ? -12.877 0.392   3.259  1.00 27.00 ? 223 HOH A O    1 
HETATM 633 O O    . HOH E 3 .  ? -10.984 -5.930  -3.382 1.00 24.42 ? 224 HOH A O    1 
HETATM 634 O O    . HOH E 3 .  ? -5.395  7.890   -6.411 1.00 33.46 ? 225 HOH A O    1 
HETATM 635 O O    . HOH E 3 .  ? 4.622   -7.318  4.585  1.00 31.64 ? 226 HOH A O    1 
HETATM 636 O O    . HOH E 3 .  ? -0.479  8.298   -6.396 1.00 26.37 ? 227 HOH A O    1 
HETATM 637 O O    . HOH E 3 .  ? -0.590  -1.919  10.765 1.00 31.69 ? 228 HOH A O    1 
HETATM 638 O O    . HOH E 3 .  ? -5.167  -9.468  2.288  1.00 39.97 ? 229 HOH A O    1 
HETATM 639 O O    . HOH E 3 .  ? -3.843  -10.697 -1.597 1.00 33.68 ? 230 HOH A O    1 
HETATM 640 O O    . HOH E 3 .  ? -4.596  -6.710  7.937  1.00 38.33 ? 231 HOH A O    1 
HETATM 641 O O    . HOH E 3 .  ? -0.158  9.824   -4.649 1.00 45.88 ? 232 HOH A O    1 
HETATM 642 O O    . HOH E 3 .  ? 11.388  -16.181 -4.182 1.00 40.35 ? 233 HOH A O    1 
HETATM 643 O O    . HOH E 3 .  ? 3.291   -5.741  5.243  1.00 41.08 ? 234 HOH A O    1 
# 
